data_1MO9
#
_entry.id   1MO9
#
_cell.length_a   87.980
_cell.length_b   60.120
_cell.length_c   105.600
_cell.angle_alpha   90.00
_cell.angle_beta   102.50
_cell.angle_gamma   90.00
#
_symmetry.space_group_name_H-M   'P 1 21 1'
#
loop_
_entity.id
_entity.type
_entity.pdbx_description
1 polymer orf3
2 non-polymer 'FLAVIN-ADENINE DINUCLEOTIDE'
3 non-polymer (2-[2-KETOPROPYLTHIO]ETHANESULFONATE
4 water water
#
_entity_poly.entity_id   1
_entity_poly.type   'polypeptide(L)'
_entity_poly.pdbx_seq_one_letter_code
;MKVWNARNDHLTINQWATRIDEILEAPDGGEVIYNVDENDPREYDAIFIGGGAAGRFGSAYLRAMGGRQLIVDRWPFLGG
SCPHNACVPHHLFSDCAAELMLARTFSGQYWFPDMTEKVVGIKEVVDLFRAGRNGPHGIMNFQSKEQLNLEYILNCPAKV
IDNHTVEAAGKVFKAKNLILAVGAGPGTLDVPGVNAKGVFDHATLVEELDYEPGSTVVVVGGSKTAVEYGCFFNATGRRT
VMLVRTEPLKLIKDNETRAYVLDRMKEQGMEIISGSNVTRIEEDANGRVQAVVAMTPNGEMRIETDFVFLGLGEQPRSAE
LAKILGLDLGPKGEVLVNEYLQTSVPNVYAVGDLIGGPMEMFKARKSGCYAARNVMGEKISYTPKNYPDFLHTHYEVSFL
GMGEEEARAAGHEIVTIKMPPDTENGLNVALPASDRTMLYAFGKGTAHMSGFQKIVIDAKTRKVLGAHHVGYGAKDAFQY
LNVLIKQGLTVDELGDMDELFLNPTHFIQLSRLRAGSKNLVSL
;
_entity_poly.pdbx_strand_id   A,B
#
# COMPACT_ATOMS: atom_id res chain seq x y z
N LYS A 2 6.58 -45.77 6.44
CA LYS A 2 7.84 -45.25 5.83
C LYS A 2 8.17 -43.89 6.45
N VAL A 3 9.24 -43.86 7.24
CA VAL A 3 9.67 -42.64 7.90
C VAL A 3 11.01 -42.14 7.39
N TRP A 4 11.02 -40.92 6.85
CA TRP A 4 12.25 -40.33 6.34
C TRP A 4 12.89 -39.48 7.42
N ASN A 5 14.08 -39.88 7.87
CA ASN A 5 14.78 -39.12 8.88
C ASN A 5 15.51 -38.00 8.14
N ALA A 6 14.91 -36.81 8.18
CA ALA A 6 15.47 -35.65 7.48
C ALA A 6 16.37 -34.76 8.33
N ARG A 7 16.59 -35.14 9.59
CA ARG A 7 17.40 -34.32 10.49
C ARG A 7 18.74 -33.86 9.93
N ASN A 8 19.51 -34.79 9.36
CA ASN A 8 20.82 -34.43 8.82
C ASN A 8 20.84 -34.13 7.33
N ASP A 9 19.65 -33.95 6.75
CA ASP A 9 19.54 -33.60 5.35
C ASP A 9 19.30 -32.09 5.34
N HIS A 10 19.79 -31.40 4.32
CA HIS A 10 19.64 -29.95 4.25
C HIS A 10 19.19 -29.50 2.88
N LEU A 11 17.91 -29.70 2.61
CA LEU A 11 17.33 -29.31 1.33
C LEU A 11 17.19 -27.81 1.23
N THR A 12 17.28 -27.30 0.00
CA THR A 12 17.12 -25.88 -0.27
C THR A 12 15.62 -25.63 -0.28
N ILE A 13 15.23 -24.36 -0.37
CA ILE A 13 13.83 -24.00 -0.42
C ILE A 13 13.14 -24.66 -1.60
N ASN A 14 13.78 -24.59 -2.78
CA ASN A 14 13.19 -25.17 -3.96
C ASN A 14 13.20 -26.69 -3.96
N GLN A 15 14.19 -27.30 -3.31
CA GLN A 15 14.21 -28.76 -3.23
C GLN A 15 13.08 -29.18 -2.30
N TRP A 16 12.82 -28.38 -1.27
CA TRP A 16 11.72 -28.69 -0.35
C TRP A 16 10.39 -28.59 -1.09
N ALA A 17 10.26 -27.55 -1.92
CA ALA A 17 9.02 -27.37 -2.67
C ALA A 17 8.72 -28.61 -3.50
N THR A 18 9.75 -29.12 -4.17
CA THR A 18 9.61 -30.31 -5.00
C THR A 18 9.30 -31.56 -4.18
N ARG A 19 10.01 -31.74 -3.08
CA ARG A 19 9.81 -32.89 -2.21
C ARG A 19 8.40 -32.91 -1.62
N ILE A 20 7.93 -31.75 -1.18
CA ILE A 20 6.59 -31.64 -0.60
C ILE A 20 5.52 -32.00 -1.64
N ASP A 21 5.68 -31.48 -2.85
CA ASP A 21 4.75 -31.77 -3.93
C ASP A 21 4.68 -33.27 -4.15
N GLU A 22 5.85 -33.91 -4.19
CA GLU A 22 5.93 -35.36 -4.40
C GLU A 22 5.17 -36.12 -3.33
N ILE A 23 5.40 -35.77 -2.06
CA ILE A 23 4.73 -36.43 -0.96
C ILE A 23 3.22 -36.20 -1.00
N LEU A 24 2.81 -34.99 -1.36
CA LEU A 24 1.39 -34.66 -1.44
C LEU A 24 0.66 -35.43 -2.52
N GLU A 25 1.36 -35.72 -3.62
CA GLU A 25 0.75 -36.45 -4.72
C GLU A 25 1.00 -37.95 -4.69
N ALA A 26 1.75 -38.42 -3.70
CA ALA A 26 2.05 -39.84 -3.58
C ALA A 26 0.77 -40.63 -3.33
N PRO A 27 0.50 -41.64 -4.19
CA PRO A 27 -0.71 -42.47 -4.05
C PRO A 27 -0.88 -43.13 -2.68
N ASP A 28 0.22 -43.58 -2.08
CA ASP A 28 0.14 -44.25 -0.77
C ASP A 28 0.03 -43.30 0.42
N GLY A 29 0.06 -41.99 0.16
CA GLY A 29 -0.03 -41.03 1.23
C GLY A 29 1.27 -40.30 1.50
N GLY A 30 2.38 -40.87 1.04
CA GLY A 30 3.67 -40.24 1.23
C GLY A 30 4.39 -40.64 2.50
N GLU A 31 5.70 -40.42 2.52
CA GLU A 31 6.52 -40.76 3.68
C GLU A 31 6.39 -39.71 4.77
N VAL A 32 6.70 -40.11 6.00
CA VAL A 32 6.64 -39.19 7.13
C VAL A 32 7.95 -38.40 7.12
N ILE A 33 7.86 -37.11 7.42
CA ILE A 33 9.05 -36.26 7.47
C ILE A 33 9.42 -36.15 8.94
N TYR A 34 10.52 -36.80 9.31
CA TYR A 34 10.98 -36.85 10.69
C TYR A 34 12.21 -35.96 10.93
N ASN A 35 12.01 -34.85 11.62
CA ASN A 35 13.09 -33.92 11.90
C ASN A 35 13.22 -33.70 13.41
N VAL A 36 13.87 -34.66 14.08
CA VAL A 36 14.05 -34.62 15.52
C VAL A 36 15.53 -34.72 15.89
N ASP A 37 15.94 -33.98 16.92
CA ASP A 37 17.32 -34.06 17.37
C ASP A 37 17.41 -35.22 18.35
N GLU A 38 17.82 -36.38 17.86
CA GLU A 38 17.91 -37.56 18.69
C GLU A 38 19.04 -37.55 19.72
N ASN A 39 19.91 -36.55 19.66
CA ASN A 39 21.01 -36.49 20.61
C ASN A 39 20.80 -35.50 21.76
N ASP A 40 19.74 -34.70 21.67
CA ASP A 40 19.43 -33.73 22.72
C ASP A 40 18.69 -34.46 23.84
N PRO A 41 19.25 -34.48 25.05
CA PRO A 41 18.63 -35.16 26.19
C PRO A 41 17.56 -34.38 26.96
N ARG A 42 17.39 -33.10 26.65
CA ARG A 42 16.40 -32.29 27.36
C ARG A 42 14.96 -32.73 27.13
N GLU A 43 14.12 -32.50 28.13
CA GLU A 43 12.69 -32.83 28.02
C GLU A 43 12.06 -31.76 27.13
N TYR A 44 10.98 -32.12 26.46
CA TYR A 44 10.28 -31.14 25.63
C TYR A 44 9.46 -30.25 26.56
N ASP A 45 9.56 -28.93 26.38
CA ASP A 45 8.77 -28.01 27.19
C ASP A 45 7.35 -28.05 26.69
N ALA A 46 7.19 -28.26 25.39
CA ALA A 46 5.86 -28.34 24.79
C ALA A 46 5.86 -29.05 23.45
N ILE A 47 4.79 -29.81 23.23
CA ILE A 47 4.58 -30.48 21.96
C ILE A 47 3.40 -29.74 21.37
N PHE A 48 3.56 -29.24 20.15
CA PHE A 48 2.50 -28.51 19.48
C PHE A 48 1.74 -29.46 18.57
N ILE A 49 0.43 -29.55 18.79
CA ILE A 49 -0.41 -30.40 17.96
C ILE A 49 -0.87 -29.47 16.85
N GLY A 50 -0.15 -29.51 15.74
CA GLY A 50 -0.45 -28.65 14.61
C GLY A 50 0.71 -27.71 14.41
N GLY A 51 1.12 -27.54 13.15
CA GLY A 51 2.24 -26.65 12.84
C GLY A 51 1.83 -25.54 11.89
N GLY A 52 0.61 -25.06 12.07
CA GLY A 52 0.10 -23.97 11.25
C GLY A 52 0.62 -22.65 11.78
N ALA A 53 -0.09 -21.56 11.52
CA ALA A 53 0.36 -20.24 11.98
C ALA A 53 0.64 -20.18 13.47
N ALA A 54 -0.28 -20.69 14.28
CA ALA A 54 -0.11 -20.67 15.73
C ALA A 54 0.97 -21.62 16.21
N GLY A 55 0.96 -22.85 15.69
CA GLY A 55 1.96 -23.81 16.11
C GLY A 55 3.37 -23.51 15.66
N ARG A 56 3.51 -23.00 14.44
CA ARG A 56 4.83 -22.68 13.92
C ARG A 56 5.41 -21.47 14.63
N PHE A 57 4.61 -20.42 14.79
CA PHE A 57 5.13 -19.24 15.48
C PHE A 57 5.38 -19.51 16.96
N GLY A 58 4.48 -20.24 17.59
CA GLY A 58 4.67 -20.57 18.99
C GLY A 58 5.96 -21.35 19.18
N SER A 59 6.23 -22.29 18.28
CA SER A 59 7.45 -23.08 18.35
C SER A 59 8.69 -22.21 18.16
N ALA A 60 8.63 -21.30 17.19
CA ALA A 60 9.76 -20.42 16.91
C ALA A 60 10.11 -19.58 18.12
N TYR A 61 9.08 -19.05 18.79
CA TYR A 61 9.31 -18.20 19.95
C TYR A 61 9.83 -19.03 21.12
N LEU A 62 9.24 -20.20 21.34
CA LEU A 62 9.68 -21.06 22.44
C LEU A 62 11.15 -21.45 22.26
N ARG A 63 11.52 -21.82 21.04
CA ARG A 63 12.90 -22.20 20.76
C ARG A 63 13.82 -20.99 20.93
N ALA A 64 13.35 -19.81 20.53
CA ALA A 64 14.14 -18.59 20.65
C ALA A 64 14.44 -18.29 22.12
N MET A 65 13.50 -18.66 22.99
CA MET A 65 13.65 -18.43 24.42
C MET A 65 14.54 -19.46 25.08
N GLY A 66 15.02 -20.43 24.29
CA GLY A 66 15.89 -21.45 24.83
C GLY A 66 15.19 -22.73 25.26
N GLY A 67 13.90 -22.84 24.95
CA GLY A 67 13.16 -24.04 25.32
C GLY A 67 13.17 -25.06 24.20
N ARG A 68 12.68 -26.27 24.48
CA ARG A 68 12.64 -27.31 23.47
C ARG A 68 11.19 -27.60 23.06
N GLN A 69 10.96 -27.72 21.77
CA GLN A 69 9.63 -27.98 21.25
C GLN A 69 9.60 -29.06 20.18
N LEU A 70 8.39 -29.55 19.90
CA LEU A 70 8.18 -30.54 18.87
C LEU A 70 6.84 -30.22 18.22
N ILE A 71 6.84 -30.15 16.90
CA ILE A 71 5.61 -29.90 16.14
C ILE A 71 5.24 -31.20 15.46
N VAL A 72 3.94 -31.51 15.45
CA VAL A 72 3.46 -32.68 14.74
C VAL A 72 2.32 -32.13 13.88
N ASP A 73 2.37 -32.38 12.58
CA ASP A 73 1.32 -31.92 11.67
C ASP A 73 1.02 -32.99 10.64
N ARG A 74 -0.27 -33.15 10.30
CA ARG A 74 -0.66 -34.16 9.34
C ARG A 74 -0.35 -33.79 7.89
N TRP A 75 -0.09 -32.52 7.63
CA TRP A 75 0.27 -32.09 6.28
C TRP A 75 1.80 -32.21 6.20
N PRO A 76 2.35 -32.37 4.98
CA PRO A 76 3.80 -32.51 4.78
C PRO A 76 4.55 -31.18 4.76
N PHE A 77 3.89 -30.12 5.18
CA PHE A 77 4.48 -28.79 5.20
C PHE A 77 4.02 -28.07 6.47
N LEU A 78 4.72 -27.00 6.80
CA LEU A 78 4.38 -26.19 7.96
C LEU A 78 3.74 -24.92 7.41
N GLY A 79 2.98 -24.20 8.24
CA GLY A 79 2.33 -22.99 7.77
C GLY A 79 0.81 -23.07 7.82
N GLY A 80 0.30 -24.30 7.86
CA GLY A 80 -1.13 -24.50 7.95
C GLY A 80 -2.01 -24.16 6.76
N SER A 81 -3.26 -23.80 7.06
CA SER A 81 -4.24 -23.48 6.03
C SER A 81 -3.94 -22.26 5.17
N CYS A 82 -3.42 -21.20 5.77
CA CYS A 82 -3.14 -19.99 5.01
C CYS A 82 -2.45 -20.22 3.67
N PRO A 83 -1.29 -20.88 3.66
CA PRO A 83 -0.63 -21.10 2.37
C PRO A 83 -1.26 -22.16 1.48
N HIS A 84 -1.97 -23.12 2.07
CA HIS A 84 -2.56 -24.20 1.30
C HIS A 84 -3.95 -23.94 0.74
N ASN A 85 -4.82 -23.29 1.51
CA ASN A 85 -6.18 -23.04 1.03
C ASN A 85 -6.88 -21.85 1.67
N ALA A 86 -6.15 -21.04 2.41
CA ALA A 86 -6.79 -19.90 3.06
C ALA A 86 -6.30 -18.53 2.60
N CYS A 87 -5.60 -17.80 3.46
CA CYS A 87 -5.19 -16.47 3.04
C CYS A 87 -4.37 -16.30 1.76
N VAL A 88 -3.43 -17.21 1.49
CA VAL A 88 -2.62 -17.05 0.29
C VAL A 88 -3.46 -17.14 -1.00
N PRO A 89 -4.27 -18.19 -1.18
CA PRO A 89 -5.05 -18.20 -2.43
C PRO A 89 -6.05 -17.05 -2.46
N HIS A 90 -6.57 -16.69 -1.28
CA HIS A 90 -7.51 -15.59 -1.15
C HIS A 90 -6.88 -14.32 -1.75
N HIS A 91 -5.63 -14.05 -1.41
CA HIS A 91 -4.96 -12.87 -1.93
C HIS A 91 -4.64 -12.96 -3.42
N LEU A 92 -4.37 -14.17 -3.92
CA LEU A 92 -4.12 -14.31 -5.35
C LEU A 92 -5.44 -13.96 -6.07
N PHE A 93 -6.55 -14.45 -5.52
CA PHE A 93 -7.86 -14.17 -6.12
C PHE A 93 -8.24 -12.70 -6.02
N SER A 94 -7.95 -12.07 -4.88
CA SER A 94 -8.27 -10.65 -4.74
C SER A 94 -7.42 -9.80 -5.67
N ASP A 95 -6.17 -10.21 -5.92
CA ASP A 95 -5.29 -9.48 -6.83
C ASP A 95 -5.95 -9.53 -8.21
N CYS A 96 -6.46 -10.70 -8.59
CA CYS A 96 -7.12 -10.87 -9.88
C CYS A 96 -8.39 -10.02 -9.96
N ALA A 97 -9.15 -10.00 -8.87
CA ALA A 97 -10.39 -9.22 -8.84
C ALA A 97 -10.12 -7.74 -9.08
N ALA A 98 -9.08 -7.21 -8.44
CA ALA A 98 -8.73 -5.80 -8.58
C ALA A 98 -8.24 -5.47 -9.98
N GLU A 99 -7.39 -6.33 -10.52
CA GLU A 99 -6.85 -6.13 -11.87
C GLU A 99 -7.95 -6.26 -12.91
N LEU A 100 -8.88 -7.18 -12.67
CA LEU A 100 -9.98 -7.40 -13.60
C LEU A 100 -10.95 -6.22 -13.61
N MET A 101 -11.22 -5.64 -12.44
CA MET A 101 -12.12 -4.49 -12.42
C MET A 101 -11.47 -3.36 -13.23
N LEU A 102 -10.15 -3.21 -13.11
CA LEU A 102 -9.45 -2.17 -13.83
C LEU A 102 -9.57 -2.44 -15.34
N ALA A 103 -9.30 -3.67 -15.73
CA ALA A 103 -9.38 -4.04 -17.14
C ALA A 103 -10.78 -3.85 -17.73
N ARG A 104 -11.81 -4.21 -16.96
CA ARG A 104 -13.18 -4.07 -17.44
C ARG A 104 -13.61 -2.60 -17.49
N THR A 105 -13.10 -1.80 -16.56
CA THR A 105 -13.44 -0.38 -16.53
C THR A 105 -12.85 0.33 -17.74
N PHE A 106 -11.63 -0.04 -18.12
CA PHE A 106 -11.00 0.60 -19.27
C PHE A 106 -10.92 -0.31 -20.49
N SER A 107 -11.90 -1.19 -20.60
CA SER A 107 -11.98 -2.12 -21.72
C SER A 107 -11.88 -1.37 -23.05
N GLY A 108 -11.01 -1.84 -23.94
CA GLY A 108 -10.86 -1.20 -25.23
C GLY A 108 -10.18 0.15 -25.21
N GLN A 109 -9.64 0.52 -24.05
CA GLN A 109 -8.95 1.80 -23.92
C GLN A 109 -7.47 1.57 -23.66
N TYR A 110 -6.65 2.45 -24.19
CA TYR A 110 -5.19 2.36 -24.04
C TYR A 110 -4.74 0.95 -24.44
N TRP A 111 -4.02 0.29 -23.52
CA TRP A 111 -3.51 -1.05 -23.81
C TRP A 111 -4.43 -2.18 -23.34
N PHE A 112 -5.57 -1.81 -22.77
CA PHE A 112 -6.52 -2.79 -22.28
C PHE A 112 -7.35 -3.41 -23.39
N PRO A 113 -7.42 -4.75 -23.42
CA PRO A 113 -8.19 -5.45 -24.45
C PRO A 113 -9.69 -5.35 -24.16
N ASP A 114 -10.50 -5.69 -25.16
CA ASP A 114 -11.95 -5.63 -25.01
C ASP A 114 -12.42 -6.74 -24.08
N MET A 115 -13.02 -6.34 -22.96
CA MET A 115 -13.51 -7.30 -21.96
C MET A 115 -15.01 -7.51 -22.07
N THR A 116 -15.66 -6.80 -22.98
CA THR A 116 -17.10 -6.88 -23.17
C THR A 116 -17.69 -8.28 -23.03
N GLU A 117 -17.20 -9.23 -23.83
CA GLU A 117 -17.72 -10.59 -23.76
C GLU A 117 -16.66 -11.58 -23.29
N LYS A 118 -15.79 -11.10 -22.40
CA LYS A 118 -14.72 -11.95 -21.88
C LYS A 118 -15.00 -12.55 -20.51
N VAL A 119 -14.97 -13.86 -20.45
CA VAL A 119 -15.18 -14.58 -19.20
C VAL A 119 -13.86 -15.25 -18.86
N VAL A 120 -13.27 -14.84 -17.74
CA VAL A 120 -12.00 -15.40 -17.30
C VAL A 120 -12.23 -16.78 -16.71
N GLY A 121 -11.31 -17.70 -16.98
CA GLY A 121 -11.44 -19.04 -16.47
C GLY A 121 -11.08 -19.15 -14.99
N ILE A 122 -12.06 -19.51 -14.18
CA ILE A 122 -11.84 -19.66 -12.74
C ILE A 122 -10.89 -20.84 -12.51
N LYS A 123 -11.10 -21.93 -13.22
CA LYS A 123 -10.24 -23.10 -13.06
C LYS A 123 -8.79 -22.79 -13.41
N GLU A 124 -8.57 -21.95 -14.41
CA GLU A 124 -7.21 -21.57 -14.80
C GLU A 124 -6.48 -20.89 -13.65
N VAL A 125 -7.20 -20.02 -12.94
CA VAL A 125 -6.60 -19.31 -11.83
C VAL A 125 -6.36 -20.24 -10.64
N VAL A 126 -7.33 -21.12 -10.38
CA VAL A 126 -7.19 -22.06 -9.27
C VAL A 126 -6.04 -23.01 -9.59
N ASP A 127 -5.91 -23.37 -10.87
CA ASP A 127 -4.83 -24.25 -11.29
C ASP A 127 -3.48 -23.55 -11.13
N LEU A 128 -3.47 -22.24 -11.36
CA LEU A 128 -2.24 -21.46 -11.20
C LEU A 128 -1.84 -21.54 -9.73
N PHE A 129 -2.82 -21.40 -8.85
CA PHE A 129 -2.56 -21.48 -7.41
C PHE A 129 -2.05 -22.86 -7.04
N ARG A 130 -2.73 -23.91 -7.51
CA ARG A 130 -2.31 -25.26 -7.19
C ARG A 130 -0.89 -25.54 -7.68
N ALA A 131 -0.54 -24.97 -8.84
CA ALA A 131 0.78 -25.17 -9.42
C ALA A 131 1.91 -24.48 -8.68
N GLY A 132 1.60 -23.39 -7.96
CA GLY A 132 2.65 -22.69 -7.27
C GLY A 132 2.62 -22.64 -5.75
N ARG A 133 1.61 -23.23 -5.13
CA ARG A 133 1.52 -23.18 -3.68
C ARG A 133 2.62 -23.92 -2.93
N ASN A 134 3.33 -24.82 -3.61
CA ASN A 134 4.40 -25.54 -2.93
C ASN A 134 5.63 -24.66 -2.72
N GLY A 135 5.66 -23.51 -3.40
CA GLY A 135 6.77 -22.58 -3.23
C GLY A 135 6.74 -22.10 -1.79
N PRO A 136 5.62 -21.52 -1.34
CA PRO A 136 5.55 -21.05 0.04
C PRO A 136 5.77 -22.22 1.02
N HIS A 137 5.29 -23.41 0.68
CA HIS A 137 5.46 -24.57 1.54
C HIS A 137 6.95 -24.89 1.71
N GLY A 138 7.69 -24.80 0.61
CA GLY A 138 9.11 -25.07 0.67
C GLY A 138 9.83 -24.09 1.57
N ILE A 139 9.45 -22.82 1.51
CA ILE A 139 10.08 -21.81 2.35
C ILE A 139 9.81 -22.09 3.81
N MET A 140 8.59 -22.51 4.12
CA MET A 140 8.24 -22.79 5.50
C MET A 140 9.02 -23.97 6.08
N ASN A 141 9.17 -25.05 5.31
CA ASN A 141 9.91 -26.19 5.82
C ASN A 141 11.39 -25.82 5.99
N PHE A 142 11.92 -25.06 5.03
CA PHE A 142 13.32 -24.63 5.09
C PHE A 142 13.56 -23.65 6.23
N GLN A 143 12.77 -22.59 6.29
CA GLN A 143 12.94 -21.58 7.33
C GLN A 143 12.84 -22.20 8.73
N SER A 144 11.84 -23.04 8.91
CA SER A 144 11.61 -23.67 10.21
C SER A 144 12.77 -24.54 10.67
N LYS A 145 13.32 -25.32 9.75
CA LYS A 145 14.41 -26.22 10.09
C LYS A 145 15.79 -25.57 10.16
N GLU A 146 16.17 -24.88 9.08
CA GLU A 146 17.50 -24.29 8.99
C GLU A 146 17.72 -22.95 9.67
N GLN A 147 16.68 -22.13 9.75
CA GLN A 147 16.84 -20.81 10.36
C GLN A 147 16.27 -20.67 11.77
N LEU A 148 15.16 -21.33 12.04
CA LEU A 148 14.51 -21.24 13.33
C LEU A 148 14.85 -22.41 14.26
N ASN A 149 15.60 -23.37 13.72
CA ASN A 149 16.07 -24.54 14.46
C ASN A 149 14.96 -25.34 15.16
N LEU A 150 13.87 -25.52 14.45
CA LEU A 150 12.73 -26.24 15.00
C LEU A 150 12.78 -27.73 14.72
N GLU A 151 12.17 -28.48 15.63
CA GLU A 151 12.06 -29.92 15.50
C GLU A 151 10.63 -30.16 15.05
N TYR A 152 10.44 -31.07 14.09
CA TYR A 152 9.09 -31.34 13.62
C TYR A 152 8.93 -32.69 12.94
N ILE A 153 7.70 -33.17 12.97
CA ILE A 153 7.33 -34.43 12.35
C ILE A 153 6.11 -34.08 11.50
N LEU A 154 6.27 -34.21 10.18
CA LEU A 154 5.20 -33.83 9.26
C LEU A 154 4.62 -35.01 8.50
N ASN A 155 3.44 -34.79 7.92
CA ASN A 155 2.71 -35.80 7.15
C ASN A 155 2.33 -36.97 8.02
N CYS A 156 1.98 -36.68 9.27
CA CYS A 156 1.59 -37.70 10.23
C CYS A 156 0.61 -37.11 11.23
N PRO A 157 -0.58 -37.72 11.36
CA PRO A 157 -1.56 -37.19 12.31
C PRO A 157 -1.00 -37.38 13.72
N ALA A 158 -1.26 -36.43 14.59
CA ALA A 158 -0.79 -36.55 15.97
C ALA A 158 -1.82 -37.39 16.71
N LYS A 159 -1.34 -38.27 17.59
CA LYS A 159 -2.24 -39.10 18.37
C LYS A 159 -1.98 -38.82 19.84
N VAL A 160 -2.72 -37.87 20.39
CA VAL A 160 -2.58 -37.49 21.79
C VAL A 160 -3.01 -38.64 22.70
N ILE A 161 -2.16 -38.97 23.65
CA ILE A 161 -2.42 -40.06 24.60
C ILE A 161 -3.01 -39.47 25.88
N ASP A 162 -2.34 -38.47 26.45
CA ASP A 162 -2.81 -37.76 27.64
C ASP A 162 -2.20 -36.37 27.66
N ASN A 163 -2.37 -35.61 28.73
CA ASN A 163 -1.83 -34.26 28.75
C ASN A 163 -0.31 -34.10 28.75
N HIS A 164 0.42 -35.20 28.69
CA HIS A 164 1.88 -35.13 28.67
C HIS A 164 2.50 -36.11 27.68
N THR A 165 1.66 -36.79 26.93
CA THR A 165 2.14 -37.82 26.02
C THR A 165 1.49 -37.80 24.64
N VAL A 166 2.32 -37.86 23.59
CA VAL A 166 1.83 -37.83 22.23
C VAL A 166 2.53 -38.86 21.34
N GLU A 167 1.77 -39.55 20.51
CA GLU A 167 2.31 -40.54 19.60
C GLU A 167 2.45 -39.89 18.22
N ALA A 168 3.59 -40.12 17.58
CA ALA A 168 3.84 -39.58 16.25
C ALA A 168 4.92 -40.39 15.55
N ALA A 169 4.68 -40.74 14.29
CA ALA A 169 5.63 -41.51 13.50
C ALA A 169 6.01 -42.83 14.16
N GLY A 170 5.06 -43.42 14.87
CA GLY A 170 5.32 -44.69 15.54
C GLY A 170 6.17 -44.58 16.80
N LYS A 171 6.41 -43.35 17.26
CA LYS A 171 7.19 -43.14 18.46
C LYS A 171 6.37 -42.39 19.49
N VAL A 172 6.74 -42.55 20.76
CA VAL A 172 6.02 -41.88 21.84
C VAL A 172 6.87 -40.78 22.44
N PHE A 173 6.30 -39.58 22.52
CA PHE A 173 7.00 -38.44 23.09
C PHE A 173 6.33 -37.90 24.34
N LYS A 174 7.15 -37.47 25.30
CA LYS A 174 6.67 -36.90 26.53
C LYS A 174 6.97 -35.40 26.50
N ALA A 175 6.17 -34.61 27.20
CA ALA A 175 6.40 -33.16 27.27
C ALA A 175 5.79 -32.58 28.53
N LYS A 176 6.35 -31.46 28.98
CA LYS A 176 5.86 -30.78 30.17
C LYS A 176 4.49 -30.16 29.93
N ASN A 177 4.21 -29.80 28.68
CA ASN A 177 2.94 -29.18 28.30
C ASN A 177 2.57 -29.52 26.87
N LEU A 178 1.29 -29.36 26.57
CA LEU A 178 0.80 -29.57 25.21
C LEU A 178 0.21 -28.22 24.78
N ILE A 179 0.41 -27.85 23.53
CA ILE A 179 -0.18 -26.62 23.01
C ILE A 179 -1.00 -27.09 21.81
N LEU A 180 -2.32 -27.03 21.95
CA LEU A 180 -3.23 -27.47 20.90
C LEU A 180 -3.40 -26.36 19.87
N ALA A 181 -3.03 -26.67 18.63
CA ALA A 181 -3.09 -25.70 17.55
C ALA A 181 -3.56 -26.33 16.24
N VAL A 182 -4.64 -27.11 16.29
CA VAL A 182 -5.17 -27.78 15.11
C VAL A 182 -6.15 -26.97 14.28
N GLY A 183 -6.36 -25.72 14.66
CA GLY A 183 -7.24 -24.85 13.91
C GLY A 183 -8.71 -25.18 13.81
N ALA A 184 -9.29 -24.83 12.66
CA ALA A 184 -10.71 -25.04 12.40
C ALA A 184 -10.95 -25.55 10.99
N GLY A 185 -12.12 -26.16 10.78
CA GLY A 185 -12.47 -26.69 9.48
C GLY A 185 -13.62 -25.93 8.85
N PRO A 186 -13.83 -26.07 7.53
CA PRO A 186 -14.91 -25.37 6.83
C PRO A 186 -16.30 -25.56 7.42
N GLY A 187 -17.06 -24.48 7.45
CA GLY A 187 -18.42 -24.57 7.97
C GLY A 187 -19.30 -25.09 6.86
N THR A 188 -20.39 -25.75 7.21
CA THR A 188 -21.29 -26.30 6.20
C THR A 188 -22.75 -25.99 6.50
N LEU A 189 -23.62 -26.30 5.54
CA LEU A 189 -25.04 -26.06 5.69
C LEU A 189 -25.79 -27.38 5.87
N ASP A 190 -26.80 -27.37 6.72
CA ASP A 190 -27.60 -28.56 6.97
C ASP A 190 -28.84 -28.47 6.08
N VAL A 191 -28.64 -28.61 4.77
CA VAL A 191 -29.74 -28.55 3.83
C VAL A 191 -29.60 -29.63 2.76
N PRO A 192 -30.72 -30.04 2.15
CA PRO A 192 -30.67 -31.07 1.11
C PRO A 192 -29.80 -30.63 -0.08
N GLY A 193 -28.98 -31.54 -0.58
CA GLY A 193 -28.15 -31.23 -1.73
C GLY A 193 -26.83 -30.52 -1.48
N VAL A 194 -26.50 -30.29 -0.22
CA VAL A 194 -25.25 -29.60 0.10
C VAL A 194 -24.01 -30.38 -0.33
N ASN A 195 -24.17 -31.68 -0.55
CA ASN A 195 -23.05 -32.53 -0.96
C ASN A 195 -23.04 -32.79 -2.45
N ALA A 196 -23.85 -32.06 -3.19
CA ALA A 196 -23.92 -32.21 -4.64
C ALA A 196 -22.61 -31.72 -5.25
N LYS A 197 -22.25 -32.26 -6.40
CA LYS A 197 -21.03 -31.82 -7.06
C LYS A 197 -21.29 -30.38 -7.51
N GLY A 198 -20.31 -29.51 -7.34
CA GLY A 198 -20.49 -28.12 -7.73
C GLY A 198 -20.59 -27.21 -6.52
N VAL A 199 -20.67 -27.82 -5.34
CA VAL A 199 -20.73 -27.06 -4.10
C VAL A 199 -19.33 -27.09 -3.52
N PHE A 200 -18.77 -25.92 -3.26
CA PHE A 200 -17.40 -25.82 -2.74
C PHE A 200 -17.29 -24.87 -1.57
N ASP A 201 -16.17 -25.00 -0.85
CA ASP A 201 -15.82 -24.11 0.24
C ASP A 201 -14.37 -23.77 -0.06
N HIS A 202 -13.76 -22.89 0.73
CA HIS A 202 -12.38 -22.50 0.45
C HIS A 202 -11.41 -23.68 0.33
N ALA A 203 -11.66 -24.72 1.11
CA ALA A 203 -10.78 -25.89 1.12
C ALA A 203 -10.95 -26.78 -0.12
N THR A 204 -12.20 -27.16 -0.42
CA THR A 204 -12.43 -28.03 -1.58
C THR A 204 -12.25 -27.33 -2.92
N LEU A 205 -12.40 -26.01 -2.94
CA LEU A 205 -12.25 -25.27 -4.19
C LEU A 205 -10.87 -25.49 -4.81
N VAL A 206 -9.83 -25.52 -3.98
CA VAL A 206 -8.48 -25.70 -4.49
C VAL A 206 -8.00 -27.14 -4.55
N GLU A 207 -8.93 -28.08 -4.36
CA GLU A 207 -8.59 -29.50 -4.42
C GLU A 207 -9.45 -30.27 -5.42
N GLU A 208 -10.71 -29.86 -5.58
CA GLU A 208 -11.65 -30.60 -6.43
C GLU A 208 -12.33 -29.88 -7.60
N LEU A 209 -11.84 -28.71 -7.99
CA LEU A 209 -12.47 -28.02 -9.11
C LEU A 209 -11.98 -28.65 -10.42
N ASP A 210 -12.78 -29.55 -10.97
CA ASP A 210 -12.41 -30.25 -12.20
C ASP A 210 -13.21 -29.82 -13.43
N TYR A 211 -13.85 -28.66 -13.35
CA TYR A 211 -14.62 -28.15 -14.48
C TYR A 211 -14.64 -26.63 -14.39
N GLU A 212 -15.06 -25.98 -15.47
CA GLU A 212 -15.13 -24.52 -15.49
C GLU A 212 -16.58 -24.13 -15.21
N PRO A 213 -16.83 -23.39 -14.12
CA PRO A 213 -18.17 -22.95 -13.73
C PRO A 213 -18.95 -22.26 -14.85
N GLY A 214 -20.27 -22.31 -14.72
CA GLY A 214 -21.14 -21.68 -15.70
C GLY A 214 -21.18 -20.18 -15.53
N SER A 215 -22.19 -19.54 -16.15
CA SER A 215 -22.32 -18.09 -16.11
C SER A 215 -22.81 -17.48 -14.80
N THR A 216 -23.33 -18.31 -13.90
CA THR A 216 -23.84 -17.81 -12.63
C THR A 216 -23.20 -18.49 -11.43
N VAL A 217 -22.89 -17.70 -10.41
CA VAL A 217 -22.28 -18.21 -9.20
C VAL A 217 -23.09 -17.75 -7.99
N VAL A 218 -23.38 -18.67 -7.09
CA VAL A 218 -24.11 -18.32 -5.88
C VAL A 218 -23.13 -18.49 -4.72
N VAL A 219 -23.01 -17.42 -3.93
CA VAL A 219 -22.14 -17.44 -2.76
C VAL A 219 -23.02 -17.39 -1.53
N VAL A 220 -22.79 -18.32 -0.60
CA VAL A 220 -23.58 -18.36 0.62
C VAL A 220 -22.78 -17.77 1.76
N GLY A 221 -23.28 -16.68 2.35
CA GLY A 221 -22.58 -16.04 3.44
C GLY A 221 -22.19 -14.61 3.12
N GLY A 222 -21.97 -13.81 4.16
CA GLY A 222 -21.60 -12.43 3.97
C GLY A 222 -20.29 -12.13 4.69
N SER A 223 -19.58 -13.19 5.06
CA SER A 223 -18.30 -13.07 5.75
C SER A 223 -17.23 -12.47 4.85
N LYS A 224 -16.08 -12.16 5.41
CA LYS A 224 -14.98 -11.61 4.61
C LYS A 224 -14.70 -12.55 3.44
N THR A 225 -14.56 -13.83 3.76
CA THR A 225 -14.27 -14.85 2.76
C THR A 225 -15.33 -14.88 1.66
N ALA A 226 -16.59 -14.84 2.04
CA ALA A 226 -17.66 -14.86 1.05
C ALA A 226 -17.55 -13.67 0.11
N VAL A 227 -17.33 -12.49 0.69
CA VAL A 227 -17.21 -11.26 -0.10
C VAL A 227 -15.95 -11.27 -0.98
N GLU A 228 -14.85 -11.69 -0.40
CA GLU A 228 -13.59 -11.74 -1.13
C GLU A 228 -13.67 -12.67 -2.34
N TYR A 229 -14.16 -13.89 -2.14
CA TYR A 229 -14.28 -14.82 -3.24
C TYR A 229 -15.40 -14.40 -4.19
N GLY A 230 -16.48 -13.85 -3.64
CA GLY A 230 -17.58 -13.39 -4.46
C GLY A 230 -17.15 -12.34 -5.47
N CYS A 231 -16.35 -11.38 -5.03
CA CYS A 231 -15.89 -10.34 -5.94
C CYS A 231 -14.97 -10.92 -7.02
N PHE A 232 -14.20 -11.94 -6.65
CA PHE A 232 -13.34 -12.57 -7.63
C PHE A 232 -14.21 -13.24 -8.69
N PHE A 233 -15.19 -14.04 -8.25
CA PHE A 233 -16.07 -14.72 -9.20
C PHE A 233 -16.76 -13.68 -10.10
N ASN A 234 -17.22 -12.58 -9.51
CA ASN A 234 -17.86 -11.53 -10.28
C ASN A 234 -16.89 -10.94 -11.30
N ALA A 235 -15.65 -10.71 -10.88
CA ALA A 235 -14.63 -10.14 -11.75
C ALA A 235 -14.34 -11.00 -12.98
N THR A 236 -14.50 -12.31 -12.87
CA THR A 236 -14.25 -13.20 -13.99
C THR A 236 -15.33 -13.06 -15.06
N GLY A 237 -16.39 -12.34 -14.73
CA GLY A 237 -17.46 -12.12 -15.69
C GLY A 237 -18.71 -12.96 -15.48
N ARG A 238 -18.96 -13.36 -14.24
CA ARG A 238 -20.12 -14.18 -13.95
C ARG A 238 -21.13 -13.48 -13.04
N ARG A 239 -22.41 -13.73 -13.29
CA ARG A 239 -23.46 -13.16 -12.46
C ARG A 239 -23.22 -13.76 -11.09
N THR A 240 -23.02 -12.89 -10.10
CA THR A 240 -22.75 -13.33 -8.74
C THR A 240 -23.81 -12.87 -7.76
N VAL A 241 -24.45 -13.83 -7.12
CA VAL A 241 -25.50 -13.54 -6.15
C VAL A 241 -25.02 -13.95 -4.76
N MET A 242 -25.01 -12.99 -3.85
CA MET A 242 -24.58 -13.25 -2.49
C MET A 242 -25.76 -13.38 -1.55
N LEU A 243 -25.87 -14.54 -0.91
CA LEU A 243 -26.95 -14.81 0.02
C LEU A 243 -26.42 -14.59 1.43
N VAL A 244 -26.62 -13.38 1.94
CA VAL A 244 -26.16 -13.03 3.29
C VAL A 244 -27.25 -13.33 4.31
N ARG A 245 -26.87 -14.00 5.39
CA ARG A 245 -27.82 -14.37 6.43
C ARG A 245 -28.41 -13.16 7.16
N THR A 246 -27.56 -12.20 7.50
CA THR A 246 -28.02 -11.01 8.21
C THR A 246 -27.83 -9.76 7.35
N GLU A 247 -27.04 -8.81 7.83
CA GLU A 247 -26.78 -7.57 7.12
C GLU A 247 -25.41 -7.64 6.45
N PRO A 248 -25.31 -7.26 5.18
CA PRO A 248 -24.04 -7.30 4.46
C PRO A 248 -22.98 -6.34 4.99
N LEU A 249 -21.78 -6.87 5.18
CA LEU A 249 -20.62 -6.12 5.65
C LEU A 249 -20.81 -5.35 6.94
N LYS A 250 -21.34 -6.02 7.96
CA LYS A 250 -21.57 -5.39 9.26
C LYS A 250 -20.24 -4.99 9.89
N LEU A 251 -19.17 -5.73 9.56
CA LEU A 251 -17.84 -5.45 10.11
C LEU A 251 -17.41 -4.03 9.86
N ILE A 252 -17.88 -3.45 8.76
CA ILE A 252 -17.54 -2.07 8.44
C ILE A 252 -18.53 -1.22 9.22
N LYS A 253 -18.12 -0.78 10.41
CA LYS A 253 -18.99 0.01 11.27
C LYS A 253 -19.38 1.39 10.77
N ASP A 254 -18.47 2.08 10.08
CA ASP A 254 -18.79 3.41 9.57
C ASP A 254 -19.82 3.28 8.45
N ASN A 255 -20.99 3.90 8.63
CA ASN A 255 -22.05 3.81 7.63
C ASN A 255 -21.65 4.28 6.23
N GLU A 256 -21.04 5.46 6.14
CA GLU A 256 -20.64 6.00 4.85
C GLU A 256 -19.63 5.10 4.14
N THR A 257 -18.68 4.57 4.88
CA THR A 257 -17.67 3.70 4.27
C THR A 257 -18.33 2.43 3.75
N ARG A 258 -19.23 1.85 4.55
CA ARG A 258 -19.92 0.63 4.15
C ARG A 258 -20.75 0.86 2.90
N ALA A 259 -21.45 1.99 2.86
CA ALA A 259 -22.29 2.32 1.71
C ALA A 259 -21.45 2.41 0.43
N TYR A 260 -20.28 3.05 0.53
CA TYR A 260 -19.41 3.20 -0.63
C TYR A 260 -18.99 1.83 -1.14
N VAL A 261 -18.53 0.97 -0.24
CA VAL A 261 -18.09 -0.37 -0.59
C VAL A 261 -19.20 -1.18 -1.26
N LEU A 262 -20.39 -1.17 -0.64
CA LEU A 262 -21.53 -1.91 -1.17
C LEU A 262 -21.98 -1.35 -2.52
N ASP A 263 -21.98 -0.03 -2.66
CA ASP A 263 -22.38 0.59 -3.91
C ASP A 263 -21.45 0.21 -5.04
N ARG A 264 -20.14 0.18 -4.75
CA ARG A 264 -19.16 -0.18 -5.77
C ARG A 264 -19.33 -1.64 -6.19
N MET A 265 -19.66 -2.51 -5.23
CA MET A 265 -19.86 -3.93 -5.54
C MET A 265 -21.06 -4.08 -6.48
N LYS A 266 -22.13 -3.35 -6.17
CA LYS A 266 -23.34 -3.41 -6.99
C LYS A 266 -23.11 -2.82 -8.37
N GLU A 267 -22.23 -1.84 -8.46
CA GLU A 267 -21.92 -1.21 -9.74
C GLU A 267 -21.22 -2.23 -10.63
N GLN A 268 -20.51 -3.16 -10.01
CA GLN A 268 -19.80 -4.19 -10.75
C GLN A 268 -20.76 -5.30 -11.18
N GLY A 269 -22.01 -5.20 -10.75
CA GLY A 269 -23.01 -6.18 -11.13
C GLY A 269 -23.38 -7.21 -10.09
N MET A 270 -22.79 -7.10 -8.90
CA MET A 270 -23.09 -8.07 -7.85
C MET A 270 -24.47 -7.85 -7.24
N GLU A 271 -25.16 -8.97 -6.97
CA GLU A 271 -26.47 -8.93 -6.36
C GLU A 271 -26.33 -9.41 -4.93
N ILE A 272 -26.59 -8.51 -3.98
CA ILE A 272 -26.47 -8.83 -2.57
C ILE A 272 -27.84 -8.94 -1.92
N ILE A 273 -28.13 -10.12 -1.38
CA ILE A 273 -29.42 -10.38 -0.75
C ILE A 273 -29.29 -10.55 0.77
N SER A 274 -29.93 -9.65 1.51
CA SER A 274 -29.88 -9.67 2.96
C SER A 274 -30.94 -10.59 3.57
N GLY A 275 -30.71 -11.00 4.81
CA GLY A 275 -31.64 -11.86 5.53
C GLY A 275 -32.09 -13.09 4.76
N SER A 276 -31.15 -13.76 4.12
CA SER A 276 -31.47 -14.94 3.33
C SER A 276 -30.89 -16.20 3.91
N ASN A 277 -31.63 -17.30 3.79
CA ASN A 277 -31.18 -18.59 4.28
C ASN A 277 -31.51 -19.66 3.26
N VAL A 278 -30.47 -20.37 2.81
CA VAL A 278 -30.65 -21.43 1.83
C VAL A 278 -31.51 -22.53 2.44
N THR A 279 -32.45 -23.03 1.65
CA THR A 279 -33.33 -24.08 2.13
C THR A 279 -33.06 -25.40 1.41
N ARG A 280 -32.54 -25.30 0.19
CA ARG A 280 -32.24 -26.48 -0.59
C ARG A 280 -31.32 -26.18 -1.77
N ILE A 281 -30.45 -27.14 -2.08
CA ILE A 281 -29.55 -27.01 -3.22
C ILE A 281 -30.02 -28.10 -4.18
N GLU A 282 -30.62 -27.68 -5.29
CA GLU A 282 -31.14 -28.61 -6.29
C GLU A 282 -30.05 -29.29 -7.08
N GLU A 283 -30.21 -30.60 -7.30
CA GLU A 283 -29.25 -31.39 -8.06
C GLU A 283 -29.90 -31.86 -9.35
N ASP A 284 -29.12 -31.93 -10.43
CA ASP A 284 -29.68 -32.44 -11.67
C ASP A 284 -29.50 -33.96 -11.64
N ALA A 285 -29.92 -34.63 -12.70
CA ALA A 285 -29.84 -36.09 -12.74
C ALA A 285 -28.40 -36.61 -12.74
N ASN A 286 -27.43 -35.73 -12.97
CA ASN A 286 -26.03 -36.12 -12.98
C ASN A 286 -25.37 -35.93 -11.62
N GLY A 287 -26.13 -35.46 -10.64
CA GLY A 287 -25.59 -35.25 -9.31
C GLY A 287 -24.90 -33.92 -9.14
N ARG A 288 -25.08 -33.03 -10.10
CA ARG A 288 -24.46 -31.71 -10.06
C ARG A 288 -25.48 -30.64 -9.69
N VAL A 289 -25.03 -29.61 -8.95
CA VAL A 289 -25.91 -28.53 -8.56
C VAL A 289 -26.52 -27.89 -9.80
N GLN A 290 -27.82 -27.60 -9.74
CA GLN A 290 -28.49 -26.96 -10.86
C GLN A 290 -29.17 -25.67 -10.40
N ALA A 291 -29.45 -25.56 -9.10
CA ALA A 291 -30.08 -24.37 -8.57
C ALA A 291 -30.00 -24.29 -7.04
N VAL A 292 -30.16 -23.08 -6.53
CA VAL A 292 -30.15 -22.86 -5.09
C VAL A 292 -31.47 -22.20 -4.74
N VAL A 293 -32.14 -22.69 -3.71
CA VAL A 293 -33.40 -22.12 -3.28
C VAL A 293 -33.20 -21.57 -1.88
N ALA A 294 -33.64 -20.35 -1.65
CA ALA A 294 -33.47 -19.73 -0.34
C ALA A 294 -34.64 -18.85 0.04
N MET A 295 -34.85 -18.69 1.34
CA MET A 295 -35.91 -17.84 1.84
C MET A 295 -35.27 -16.48 2.08
N THR A 296 -35.98 -15.41 1.73
CA THR A 296 -35.46 -14.06 1.90
C THR A 296 -36.56 -13.17 2.44
N PRO A 297 -36.24 -11.90 2.74
CA PRO A 297 -37.25 -10.98 3.27
C PRO A 297 -38.36 -10.74 2.23
N ASN A 298 -38.08 -11.13 0.99
CA ASN A 298 -39.07 -10.96 -0.08
C ASN A 298 -39.59 -12.29 -0.61
N GLY A 299 -39.62 -13.29 0.26
CA GLY A 299 -40.13 -14.59 -0.15
C GLY A 299 -39.06 -15.54 -0.65
N GLU A 300 -39.47 -16.76 -0.98
CA GLU A 300 -38.56 -17.77 -1.48
C GLU A 300 -38.05 -17.41 -2.87
N MET A 301 -36.75 -17.61 -3.09
CA MET A 301 -36.16 -17.32 -4.38
C MET A 301 -35.39 -18.52 -4.90
N ARG A 302 -35.32 -18.64 -6.22
CA ARG A 302 -34.61 -19.75 -6.85
C ARG A 302 -33.62 -19.19 -7.86
N ILE A 303 -32.36 -19.57 -7.74
CA ILE A 303 -31.31 -19.10 -8.64
C ILE A 303 -30.66 -20.28 -9.33
N GLU A 304 -30.72 -20.31 -10.65
CA GLU A 304 -30.11 -21.40 -11.41
C GLU A 304 -28.60 -21.18 -11.48
N THR A 305 -27.85 -22.24 -11.20
CA THR A 305 -26.40 -22.19 -11.19
C THR A 305 -25.82 -23.59 -11.11
N ASP A 306 -24.56 -23.74 -11.53
CA ASP A 306 -23.89 -25.03 -11.44
C ASP A 306 -22.63 -24.91 -10.61
N PHE A 307 -22.54 -23.83 -9.85
CA PHE A 307 -21.37 -23.56 -9.01
C PHE A 307 -21.80 -22.76 -7.79
N VAL A 308 -21.63 -23.36 -6.61
CA VAL A 308 -21.99 -22.71 -5.35
C VAL A 308 -20.78 -22.66 -4.44
N PHE A 309 -20.51 -21.49 -3.87
CA PHE A 309 -19.38 -21.35 -2.96
C PHE A 309 -19.88 -21.00 -1.56
N LEU A 310 -19.49 -21.81 -0.58
CA LEU A 310 -19.90 -21.59 0.80
C LEU A 310 -18.82 -20.81 1.53
N GLY A 311 -19.20 -19.66 2.06
CA GLY A 311 -18.27 -18.82 2.79
C GLY A 311 -18.76 -18.66 4.22
N LEU A 312 -19.00 -19.79 4.87
CA LEU A 312 -19.51 -19.83 6.24
C LEU A 312 -18.36 -19.82 7.24
N GLY A 313 -18.69 -19.61 8.51
CA GLY A 313 -17.67 -19.57 9.54
C GLY A 313 -16.93 -20.90 9.70
N GLU A 314 -15.63 -20.81 9.99
CA GLU A 314 -14.79 -21.98 10.18
C GLU A 314 -15.14 -22.55 11.56
N GLN A 315 -15.13 -23.88 11.69
CA GLN A 315 -15.46 -24.52 12.96
C GLN A 315 -14.26 -25.18 13.66
N PRO A 316 -13.98 -24.76 14.90
CA PRO A 316 -12.86 -25.31 15.68
C PRO A 316 -12.80 -26.84 15.65
N ARG A 317 -11.61 -27.39 15.42
CA ARG A 317 -11.43 -28.85 15.39
C ARG A 317 -11.19 -29.34 16.81
N SER A 318 -12.23 -29.28 17.63
CA SER A 318 -12.10 -29.65 19.03
C SER A 318 -12.66 -31.00 19.48
N ALA A 319 -13.51 -31.61 18.67
CA ALA A 319 -14.14 -32.87 19.03
C ALA A 319 -13.25 -33.96 19.61
N GLU A 320 -12.31 -34.45 18.81
CA GLU A 320 -11.44 -35.53 19.28
C GLU A 320 -10.58 -35.15 20.49
N LEU A 321 -9.94 -33.99 20.44
CA LEU A 321 -9.11 -33.56 21.55
C LEU A 321 -9.92 -33.38 22.83
N ALA A 322 -11.15 -32.87 22.71
CA ALA A 322 -11.99 -32.66 23.88
C ALA A 322 -12.37 -33.99 24.53
N LYS A 323 -12.62 -35.00 23.70
CA LYS A 323 -12.98 -36.32 24.21
C LYS A 323 -11.80 -36.96 24.95
N ILE A 324 -10.63 -36.88 24.34
CA ILE A 324 -9.43 -37.47 24.94
C ILE A 324 -8.98 -36.80 26.22
N LEU A 325 -8.89 -35.46 26.18
CA LEU A 325 -8.41 -34.70 27.32
C LEU A 325 -9.45 -34.19 28.31
N GLY A 326 -10.71 -34.12 27.88
CA GLY A 326 -11.76 -33.63 28.76
C GLY A 326 -11.77 -32.11 28.79
N LEU A 327 -11.56 -31.50 27.63
CA LEU A 327 -11.54 -30.04 27.52
C LEU A 327 -12.91 -29.39 27.57
N ASP A 328 -13.03 -28.28 28.32
CA ASP A 328 -14.28 -27.55 28.38
C ASP A 328 -14.40 -26.80 27.06
N LEU A 329 -15.57 -26.87 26.44
CA LEU A 329 -15.79 -26.21 25.15
C LEU A 329 -16.87 -25.14 25.23
N GLY A 330 -16.82 -24.21 24.27
CA GLY A 330 -17.80 -23.15 24.20
C GLY A 330 -18.97 -23.59 23.33
N PRO A 331 -20.00 -22.74 23.20
CA PRO A 331 -21.19 -23.06 22.38
C PRO A 331 -20.92 -23.36 20.91
N LYS A 332 -19.83 -22.81 20.35
CA LYS A 332 -19.52 -23.04 18.96
C LYS A 332 -18.44 -24.10 18.77
N GLY A 333 -18.11 -24.78 19.87
CA GLY A 333 -17.11 -25.82 19.81
C GLY A 333 -15.70 -25.34 20.07
N GLU A 334 -15.55 -24.04 20.36
CA GLU A 334 -14.22 -23.50 20.62
C GLU A 334 -13.71 -24.05 21.94
N VAL A 335 -12.40 -24.24 22.04
CA VAL A 335 -11.81 -24.72 23.28
C VAL A 335 -11.72 -23.51 24.20
N LEU A 336 -12.25 -23.64 25.41
CA LEU A 336 -12.23 -22.53 26.36
C LEU A 336 -10.86 -22.38 27.00
N VAL A 337 -10.38 -21.15 27.11
CA VAL A 337 -9.08 -20.88 27.74
C VAL A 337 -9.16 -19.62 28.58
N ASN A 338 -8.26 -19.51 29.56
CA ASN A 338 -8.24 -18.31 30.37
C ASN A 338 -7.39 -17.29 29.61
N GLU A 339 -7.04 -16.18 30.24
CA GLU A 339 -6.25 -15.18 29.52
C GLU A 339 -4.78 -15.56 29.30
N TYR A 340 -4.37 -16.71 29.82
CA TYR A 340 -3.00 -17.18 29.65
C TYR A 340 -2.98 -18.31 28.64
N LEU A 341 -4.10 -18.46 27.92
CA LEU A 341 -4.29 -19.49 26.90
C LEU A 341 -4.33 -20.90 27.48
N GLN A 342 -4.61 -21.01 28.78
CA GLN A 342 -4.67 -22.31 29.44
C GLN A 342 -6.07 -22.89 29.37
N THR A 343 -6.17 -24.17 28.99
CA THR A 343 -7.47 -24.84 28.91
C THR A 343 -7.87 -25.29 30.30
N SER A 344 -8.99 -26.00 30.39
CA SER A 344 -9.48 -26.50 31.68
C SER A 344 -8.62 -27.68 32.16
N VAL A 345 -7.74 -28.17 31.29
CA VAL A 345 -6.87 -29.30 31.60
C VAL A 345 -5.46 -28.86 31.94
N PRO A 346 -4.90 -29.36 33.06
CA PRO A 346 -3.55 -29.01 33.49
C PRO A 346 -2.47 -29.18 32.42
N ASN A 347 -1.64 -28.15 32.28
CA ASN A 347 -0.53 -28.14 31.33
C ASN A 347 -0.91 -28.29 29.87
N VAL A 348 -2.15 -27.92 29.53
CA VAL A 348 -2.61 -27.98 28.16
C VAL A 348 -3.13 -26.61 27.75
N TYR A 349 -2.52 -26.04 26.71
CA TYR A 349 -2.92 -24.73 26.20
C TYR A 349 -3.62 -24.90 24.86
N ALA A 350 -4.38 -23.88 24.44
CA ALA A 350 -5.07 -23.89 23.16
C ALA A 350 -4.87 -22.53 22.52
N VAL A 351 -4.61 -22.52 21.21
CA VAL A 351 -4.33 -21.28 20.51
C VAL A 351 -4.92 -21.25 19.09
N GLY A 352 -4.82 -20.10 18.43
CA GLY A 352 -5.32 -19.97 17.06
C GLY A 352 -6.82 -20.08 16.87
N ASP A 353 -7.24 -20.58 15.72
CA ASP A 353 -8.66 -20.73 15.41
C ASP A 353 -9.37 -21.71 16.35
N LEU A 354 -8.60 -22.58 16.99
CA LEU A 354 -9.19 -23.55 17.90
C LEU A 354 -9.89 -22.89 19.09
N ILE A 355 -9.47 -21.69 19.46
CA ILE A 355 -10.09 -21.01 20.58
C ILE A 355 -11.12 -19.97 20.17
N GLY A 356 -11.49 -20.01 18.89
CA GLY A 356 -12.51 -19.09 18.39
C GLY A 356 -12.04 -17.81 17.75
N GLY A 357 -12.96 -16.87 17.60
CA GLY A 357 -12.64 -15.60 16.98
C GLY A 357 -11.89 -14.66 17.91
N PRO A 358 -11.21 -13.65 17.35
CA PRO A 358 -11.15 -13.43 15.90
C PRO A 358 -10.25 -14.46 15.24
N MET A 359 -10.69 -15.00 14.10
CA MET A 359 -9.90 -15.98 13.38
C MET A 359 -9.06 -15.23 12.35
N GLU A 360 -7.91 -14.75 12.81
CA GLU A 360 -6.99 -13.99 11.98
C GLU A 360 -5.57 -14.51 12.22
N MET A 361 -4.66 -14.22 11.30
CA MET A 361 -3.29 -14.65 11.44
C MET A 361 -2.60 -14.00 12.64
N PHE A 362 -2.84 -12.71 12.88
CA PHE A 362 -2.20 -12.06 14.02
C PHE A 362 -2.61 -12.76 15.31
N LYS A 363 -3.89 -13.15 15.39
CA LYS A 363 -4.40 -13.81 16.59
C LYS A 363 -3.75 -15.19 16.74
N ALA A 364 -3.70 -15.94 15.63
CA ALA A 364 -3.10 -17.27 15.66
C ALA A 364 -1.63 -17.22 16.08
N ARG A 365 -0.86 -16.38 15.39
CA ARG A 365 0.57 -16.26 15.68
C ARG A 365 0.86 -15.73 17.08
N LYS A 366 0.18 -14.66 17.47
CA LYS A 366 0.41 -14.08 18.78
C LYS A 366 -0.02 -15.00 19.90
N SER A 367 -1.18 -15.66 19.76
CA SER A 367 -1.62 -16.57 20.81
C SER A 367 -0.61 -17.70 20.95
N GLY A 368 -0.09 -18.17 19.82
CA GLY A 368 0.90 -19.23 19.85
C GLY A 368 2.13 -18.80 20.63
N CYS A 369 2.60 -17.57 20.39
CA CYS A 369 3.78 -17.08 21.10
C CYS A 369 3.52 -16.82 22.58
N TYR A 370 2.35 -16.29 22.91
CA TYR A 370 2.05 -16.03 24.32
C TYR A 370 1.92 -17.34 25.10
N ALA A 371 1.38 -18.38 24.47
CA ALA A 371 1.26 -19.67 25.14
C ALA A 371 2.69 -20.17 25.41
N ALA A 372 3.56 -20.01 24.41
CA ALA A 372 4.95 -20.44 24.52
C ALA A 372 5.66 -19.74 25.68
N ARG A 373 5.42 -18.44 25.82
CA ARG A 373 6.06 -17.68 26.90
C ARG A 373 5.57 -18.18 28.26
N ASN A 374 4.28 -18.49 28.37
CA ASN A 374 3.75 -18.99 29.63
C ASN A 374 4.37 -20.36 29.94
N VAL A 375 4.52 -21.18 28.91
CA VAL A 375 5.12 -22.49 29.10
C VAL A 375 6.56 -22.33 29.59
N MET A 376 7.22 -21.26 29.14
CA MET A 376 8.59 -21.02 29.54
C MET A 376 8.75 -20.24 30.86
N GLY A 377 7.65 -20.14 31.61
CA GLY A 377 7.70 -19.48 32.91
C GLY A 377 7.40 -17.99 32.95
N GLU A 378 7.09 -17.39 31.82
CA GLU A 378 6.78 -15.96 31.77
C GLU A 378 5.28 -15.74 31.74
N LYS A 379 4.72 -15.34 32.87
CA LYS A 379 3.28 -15.09 32.97
C LYS A 379 2.89 -13.90 32.11
N ILE A 380 2.09 -14.16 31.08
CA ILE A 380 1.67 -13.09 30.18
C ILE A 380 0.28 -13.39 29.64
N SER A 381 -0.61 -12.41 29.73
CA SER A 381 -1.98 -12.57 29.26
C SER A 381 -2.17 -12.08 27.84
N TYR A 382 -3.18 -12.64 27.17
CA TYR A 382 -3.49 -12.23 25.82
C TYR A 382 -4.99 -12.16 25.61
N THR A 383 -5.46 -10.97 25.28
CA THR A 383 -6.86 -10.74 25.03
C THR A 383 -6.94 -9.79 23.83
N PRO A 384 -7.18 -10.34 22.64
CA PRO A 384 -7.27 -9.54 21.41
C PRO A 384 -8.30 -8.42 21.56
N LYS A 385 -7.88 -7.18 21.35
CA LYS A 385 -8.79 -6.06 21.48
C LYS A 385 -8.23 -4.84 20.77
N ASN A 386 -9.12 -4.05 20.17
CA ASN A 386 -8.71 -2.84 19.46
C ASN A 386 -7.61 -3.11 18.44
N TYR A 387 -7.90 -4.01 17.52
CA TYR A 387 -6.95 -4.35 16.46
C TYR A 387 -7.49 -3.82 15.15
N PRO A 388 -6.58 -3.56 14.19
CA PRO A 388 -7.05 -3.05 12.89
C PRO A 388 -7.64 -4.24 12.14
N ASP A 389 -8.38 -3.98 11.07
CA ASP A 389 -8.98 -5.07 10.32
C ASP A 389 -9.11 -4.67 8.86
N PHE A 390 -9.39 -5.63 7.99
CA PHE A 390 -9.52 -5.31 6.58
C PHE A 390 -10.16 -6.48 5.85
N LEU A 391 -10.57 -6.22 4.62
CA LEU A 391 -11.16 -7.24 3.77
C LEU A 391 -11.05 -6.74 2.33
N HIS A 392 -11.18 -7.66 1.39
CA HIS A 392 -11.11 -7.30 -0.03
C HIS A 392 -12.48 -7.44 -0.69
N THR A 393 -12.79 -6.51 -1.59
CA THR A 393 -13.98 -6.61 -2.44
C THR A 393 -13.19 -6.55 -3.73
N HIS A 394 -13.39 -5.53 -4.55
CA HIS A 394 -12.58 -5.36 -5.76
C HIS A 394 -11.53 -4.34 -5.33
N TYR A 395 -11.74 -3.82 -4.13
CA TYR A 395 -10.87 -2.84 -3.49
C TYR A 395 -10.35 -3.42 -2.18
N GLU A 396 -9.39 -2.70 -1.59
CA GLU A 396 -8.85 -3.07 -0.29
C GLU A 396 -9.65 -2.18 0.65
N VAL A 397 -10.23 -2.77 1.69
CA VAL A 397 -11.02 -2.02 2.65
C VAL A 397 -10.39 -2.16 4.02
N SER A 398 -9.91 -1.04 4.58
CA SER A 398 -9.25 -1.04 5.87
C SER A 398 -10.02 -0.21 6.89
N PHE A 399 -10.04 -0.69 8.13
CA PHE A 399 -10.75 0.04 9.18
C PHE A 399 -10.23 -0.28 10.57
N LEU A 400 -10.30 0.71 11.45
CA LEU A 400 -9.87 0.55 12.82
C LEU A 400 -10.63 1.55 13.67
N GLY A 401 -10.75 1.26 14.96
CA GLY A 401 -11.44 2.17 15.85
C GLY A 401 -12.92 2.29 15.58
N MET A 402 -13.47 3.45 15.92
CA MET A 402 -14.91 3.71 15.77
C MET A 402 -15.37 4.35 14.47
N GLY A 403 -16.58 3.99 14.05
CA GLY A 403 -17.17 4.59 12.88
C GLY A 403 -17.74 5.93 13.34
N GLU A 404 -18.16 6.77 12.40
CA GLU A 404 -18.69 8.08 12.76
C GLU A 404 -19.89 7.98 13.69
N GLU A 405 -20.91 7.24 13.28
CA GLU A 405 -22.11 7.08 14.08
C GLU A 405 -21.82 6.44 15.44
N GLU A 406 -20.99 5.41 15.44
CA GLU A 406 -20.60 4.71 16.66
C GLU A 406 -19.98 5.67 17.67
N ALA A 407 -19.13 6.57 17.18
CA ALA A 407 -18.46 7.54 18.04
C ALA A 407 -19.46 8.47 18.73
N ARG A 408 -20.43 8.96 17.97
CA ARG A 408 -21.44 9.86 18.53
C ARG A 408 -22.32 9.12 19.53
N ALA A 409 -22.62 7.86 19.25
CA ALA A 409 -23.44 7.06 20.16
C ALA A 409 -22.66 6.77 21.43
N ALA A 410 -21.34 6.84 21.33
CA ALA A 410 -20.47 6.59 22.47
C ALA A 410 -20.37 7.87 23.32
N GLY A 411 -21.07 8.91 22.86
CA GLY A 411 -21.08 10.16 23.60
C GLY A 411 -20.06 11.20 23.17
N HIS A 412 -19.25 10.88 22.18
CA HIS A 412 -18.23 11.82 21.72
C HIS A 412 -18.77 12.92 20.80
N GLU A 413 -18.27 14.12 20.99
CA GLU A 413 -18.64 15.23 20.11
C GLU A 413 -17.52 15.09 19.08
N ILE A 414 -17.89 14.98 17.81
CA ILE A 414 -16.86 14.76 16.79
C ILE A 414 -16.89 15.63 15.56
N VAL A 415 -15.84 15.47 14.78
CA VAL A 415 -15.65 16.14 13.51
C VAL A 415 -14.97 15.06 12.69
N THR A 416 -15.02 15.18 11.38
CA THR A 416 -14.40 14.19 10.52
C THR A 416 -13.61 14.85 9.43
N ILE A 417 -12.63 14.12 8.90
CA ILE A 417 -11.82 14.61 7.80
C ILE A 417 -11.90 13.47 6.81
N LYS A 418 -12.41 13.76 5.62
CA LYS A 418 -12.56 12.72 4.61
C LYS A 418 -12.28 13.18 3.21
N MET A 419 -12.32 12.21 2.29
CA MET A 419 -12.12 12.43 0.87
C MET A 419 -12.98 11.39 0.17
N PRO A 420 -13.73 11.79 -0.86
CA PRO A 420 -13.82 13.16 -1.37
C PRO A 420 -14.71 14.04 -0.49
N PRO A 421 -14.65 15.36 -0.68
CA PRO A 421 -15.47 16.29 0.11
C PRO A 421 -16.95 16.02 -0.14
N ASP A 422 -17.80 16.36 0.82
CA ASP A 422 -19.23 16.16 0.66
C ASP A 422 -19.81 17.40 -0.01
N THR A 423 -19.95 17.35 -1.33
CA THR A 423 -20.49 18.49 -2.07
C THR A 423 -21.51 18.06 -3.11
N GLU A 424 -21.97 19.02 -3.88
CA GLU A 424 -22.95 18.78 -4.92
C GLU A 424 -22.42 17.80 -5.97
N ASN A 425 -21.11 17.84 -6.19
CA ASN A 425 -20.48 16.97 -7.17
C ASN A 425 -20.25 15.55 -6.65
N GLY A 426 -20.47 15.37 -5.35
CA GLY A 426 -20.32 14.05 -4.74
C GLY A 426 -18.99 13.36 -4.96
N LEU A 427 -19.05 12.07 -5.26
CA LEU A 427 -17.86 11.26 -5.48
C LEU A 427 -17.20 11.54 -6.83
N ASN A 428 -17.92 12.27 -7.69
CA ASN A 428 -17.44 12.56 -9.03
C ASN A 428 -16.37 13.64 -9.13
N VAL A 429 -15.30 13.48 -8.35
CA VAL A 429 -14.18 14.41 -8.35
C VAL A 429 -12.89 13.58 -8.31
N ALA A 430 -11.78 14.20 -8.75
CA ALA A 430 -10.49 13.53 -8.83
C ALA A 430 -9.73 13.24 -7.53
N LEU A 431 -10.47 13.08 -6.43
CA LEU A 431 -9.87 12.74 -5.14
C LEU A 431 -10.80 11.78 -4.42
N PRO A 432 -10.27 10.91 -3.55
CA PRO A 432 -8.85 10.76 -3.22
C PRO A 432 -8.11 10.13 -4.39
N ALA A 433 -6.79 10.16 -4.36
CA ALA A 433 -6.00 9.59 -5.44
C ALA A 433 -4.57 9.32 -5.03
N SER A 434 -4.05 8.25 -5.52
CA SER A 434 -2.68 7.79 -5.29
C SER A 434 -2.39 6.59 -6.18
N ASP A 435 -1.36 5.79 -5.68
CA ASP A 435 -1.01 4.57 -6.38
C ASP A 435 -2.18 3.60 -6.60
N ARG A 436 -2.37 3.21 -7.85
CA ARG A 436 -3.41 2.27 -8.26
C ARG A 436 -4.83 2.82 -8.34
N THR A 437 -4.98 4.13 -8.14
CA THR A 437 -6.30 4.76 -8.28
C THR A 437 -6.21 5.95 -9.23
N MET A 438 -5.02 6.17 -9.81
CA MET A 438 -4.83 7.30 -10.72
C MET A 438 -5.66 7.21 -12.00
N LEU A 439 -5.74 6.02 -12.60
CA LEU A 439 -6.53 5.87 -13.81
C LEU A 439 -8.00 6.17 -13.52
N TYR A 440 -8.50 5.67 -12.40
CA TYR A 440 -9.89 5.93 -12.03
C TYR A 440 -10.09 7.43 -11.83
N ALA A 441 -9.14 8.06 -11.14
CA ALA A 441 -9.24 9.49 -10.88
C ALA A 441 -9.28 10.33 -12.15
N PHE A 442 -8.56 9.92 -13.18
CA PHE A 442 -8.52 10.68 -14.44
C PHE A 442 -9.40 10.19 -15.58
N GLY A 443 -9.91 8.97 -15.47
CA GLY A 443 -10.74 8.43 -16.53
C GLY A 443 -12.08 9.12 -16.69
N LYS A 444 -12.65 9.03 -17.89
CA LYS A 444 -13.93 9.66 -18.15
C LYS A 444 -15.04 8.94 -17.39
N GLY A 445 -15.68 9.64 -16.47
CA GLY A 445 -16.76 9.07 -15.68
C GLY A 445 -16.36 8.04 -14.65
N THR A 446 -15.06 7.89 -14.40
CA THR A 446 -14.59 6.91 -13.42
C THR A 446 -14.12 7.50 -12.10
N ALA A 447 -14.11 8.83 -12.00
CA ALA A 447 -13.64 9.50 -10.78
C ALA A 447 -14.26 8.97 -9.48
N HIS A 448 -15.53 8.61 -9.51
CA HIS A 448 -16.18 8.11 -8.31
C HIS A 448 -15.53 6.82 -7.78
N MET A 449 -14.80 6.13 -8.65
CA MET A 449 -14.15 4.88 -8.26
C MET A 449 -12.75 5.09 -7.67
N SER A 450 -12.33 6.34 -7.49
CA SER A 450 -10.98 6.58 -6.98
C SER A 450 -10.79 6.30 -5.50
N GLY A 451 -11.86 5.97 -4.79
CA GLY A 451 -11.75 5.66 -3.36
C GLY A 451 -12.53 6.52 -2.40
N PHE A 452 -12.48 6.13 -1.13
CA PHE A 452 -13.16 6.84 -0.06
C PHE A 452 -12.37 6.65 1.22
N GLN A 453 -12.26 7.68 2.04
CA GLN A 453 -11.52 7.55 3.28
C GLN A 453 -11.97 8.57 4.31
N LYS A 454 -11.77 8.26 5.58
CA LYS A 454 -12.20 9.15 6.64
C LYS A 454 -11.59 8.84 8.00
N ILE A 455 -11.29 9.88 8.77
CA ILE A 455 -10.83 9.69 10.13
C ILE A 455 -11.87 10.39 10.98
N VAL A 456 -12.13 9.83 12.15
CA VAL A 456 -13.11 10.36 13.09
C VAL A 456 -12.34 10.92 14.26
N ILE A 457 -12.61 12.17 14.59
CA ILE A 457 -11.89 12.87 15.65
C ILE A 457 -12.78 13.45 16.76
N ASP A 458 -12.33 13.35 18.00
CA ASP A 458 -13.08 13.90 19.12
C ASP A 458 -12.82 15.41 19.09
N ALA A 459 -13.88 16.20 19.02
CA ALA A 459 -13.74 17.64 18.94
C ALA A 459 -13.02 18.30 20.12
N LYS A 460 -13.14 17.72 21.31
CA LYS A 460 -12.54 18.28 22.50
C LYS A 460 -11.12 17.82 22.82
N THR A 461 -10.90 16.50 22.82
CA THR A 461 -9.58 15.96 23.12
C THR A 461 -8.69 16.01 21.88
N ARG A 462 -9.32 16.16 20.72
CA ARG A 462 -8.63 16.23 19.45
C ARG A 462 -7.99 14.89 19.05
N LYS A 463 -8.36 13.83 19.76
CA LYS A 463 -7.80 12.51 19.47
C LYS A 463 -8.53 11.81 18.33
N VAL A 464 -7.77 11.02 17.56
CA VAL A 464 -8.33 10.25 16.45
C VAL A 464 -9.00 9.04 17.06
N LEU A 465 -10.29 8.87 16.79
CA LEU A 465 -11.06 7.75 17.33
C LEU A 465 -11.27 6.59 16.36
N GLY A 466 -11.05 6.84 15.07
CA GLY A 466 -11.24 5.79 14.09
C GLY A 466 -10.70 6.20 12.73
N ALA A 467 -10.35 5.22 11.91
CA ALA A 467 -9.83 5.48 10.58
C ALA A 467 -10.44 4.47 9.62
N HIS A 468 -10.80 4.92 8.44
CA HIS A 468 -11.47 4.07 7.45
C HIS A 468 -10.95 4.41 6.07
N HIS A 469 -10.74 3.38 5.25
CA HIS A 469 -10.20 3.62 3.92
C HIS A 469 -10.61 2.57 2.90
N VAL A 470 -10.96 3.04 1.70
CA VAL A 470 -11.32 2.17 0.60
C VAL A 470 -10.46 2.63 -0.57
N GLY A 471 -9.68 1.70 -1.12
CA GLY A 471 -8.81 2.01 -2.23
C GLY A 471 -7.72 0.95 -2.28
N TYR A 472 -6.47 1.38 -2.36
CA TYR A 472 -5.33 0.46 -2.39
C TYR A 472 -4.11 1.06 -1.70
N GLY A 473 -3.33 0.20 -1.05
CA GLY A 473 -2.10 0.65 -0.41
C GLY A 473 -2.14 1.23 0.99
N ALA A 474 -3.26 1.09 1.69
CA ALA A 474 -3.38 1.63 3.05
C ALA A 474 -3.37 0.53 4.11
N LYS A 475 -3.68 -0.69 3.69
CA LYS A 475 -3.72 -1.86 4.56
C LYS A 475 -2.48 -1.96 5.45
N ASP A 476 -1.31 -1.95 4.84
CA ASP A 476 -0.07 -2.05 5.59
C ASP A 476 0.05 -0.91 6.60
N ALA A 477 -0.32 0.29 6.19
CA ALA A 477 -0.23 1.47 7.04
C ALA A 477 -1.13 1.35 8.27
N PHE A 478 -2.30 0.72 8.12
CA PHE A 478 -3.20 0.58 9.25
C PHE A 478 -2.59 -0.20 10.39
N GLN A 479 -1.64 -1.09 10.08
CA GLN A 479 -0.98 -1.87 11.14
C GLN A 479 -0.23 -0.91 12.08
N TYR A 480 0.48 0.03 11.47
CA TYR A 480 1.27 0.99 12.23
C TYR A 480 0.45 2.16 12.77
N LEU A 481 -0.50 2.63 11.97
CA LEU A 481 -1.35 3.73 12.41
C LEU A 481 -2.14 3.32 13.65
N ASN A 482 -2.58 2.06 13.69
CA ASN A 482 -3.35 1.61 14.86
C ASN A 482 -2.54 1.72 16.14
N VAL A 483 -1.25 1.41 16.07
CA VAL A 483 -0.40 1.48 17.25
C VAL A 483 -0.32 2.92 17.74
N LEU A 484 -0.17 3.86 16.81
CA LEU A 484 -0.09 5.28 17.15
C LEU A 484 -1.41 5.74 17.76
N ILE A 485 -2.52 5.27 17.21
CA ILE A 485 -3.83 5.64 17.72
C ILE A 485 -4.03 5.10 19.14
N LYS A 486 -3.56 3.89 19.40
CA LYS A 486 -3.72 3.33 20.74
C LYS A 486 -2.87 4.12 21.74
N GLN A 487 -1.84 4.80 21.25
CA GLN A 487 -0.96 5.61 22.09
C GLN A 487 -1.59 6.97 22.38
N GLY A 488 -2.69 7.30 21.72
CA GLY A 488 -3.36 8.57 21.95
C GLY A 488 -3.14 9.67 20.92
N LEU A 489 -3.00 9.27 19.66
CA LEU A 489 -2.76 10.20 18.55
C LEU A 489 -3.79 11.31 18.36
N THR A 490 -3.31 12.55 18.29
CA THR A 490 -4.20 13.69 18.06
C THR A 490 -4.09 14.17 16.62
N VAL A 491 -5.06 14.99 16.21
CA VAL A 491 -5.06 15.52 14.86
C VAL A 491 -3.81 16.39 14.64
N ASP A 492 -3.34 17.02 15.70
CA ASP A 492 -2.15 17.86 15.60
C ASP A 492 -0.91 17.01 15.35
N GLU A 493 -0.78 15.92 16.10
CA GLU A 493 0.36 15.03 15.95
C GLU A 493 0.34 14.37 14.59
N LEU A 494 -0.86 14.08 14.10
CA LEU A 494 -1.00 13.44 12.79
C LEU A 494 -0.51 14.44 11.74
N GLY A 495 -0.88 15.71 11.90
CA GLY A 495 -0.46 16.72 10.96
C GLY A 495 1.03 17.03 11.00
N ASP A 496 1.67 16.70 12.12
CA ASP A 496 3.10 16.95 12.29
C ASP A 496 3.99 15.90 11.62
N MET A 497 3.38 14.85 11.09
CA MET A 497 4.17 13.79 10.44
C MET A 497 4.63 14.19 9.04
N ASP A 498 5.50 13.36 8.47
CA ASP A 498 6.01 13.59 7.12
C ASP A 498 5.26 12.67 6.18
N GLU A 499 4.44 13.24 5.30
CA GLU A 499 3.69 12.43 4.36
C GLU A 499 4.54 12.12 3.13
N LEU A 500 4.16 11.06 2.42
CA LEU A 500 4.83 10.65 1.19
C LEU A 500 3.75 10.77 0.12
N PHE A 501 3.62 11.96 -0.45
CA PHE A 501 2.62 12.24 -1.46
C PHE A 501 3.03 11.66 -2.82
N LEU A 502 2.09 11.12 -3.60
CA LEU A 502 0.67 11.02 -3.25
C LEU A 502 0.48 9.80 -2.35
N ASN A 503 -0.21 9.98 -1.23
CA ASN A 503 -0.40 8.89 -0.30
C ASN A 503 -1.77 8.22 -0.26
N PRO A 504 -1.80 6.88 -0.15
CA PRO A 504 -3.07 6.16 -0.09
C PRO A 504 -3.98 6.80 0.97
N THR A 505 -3.42 7.11 2.14
CA THR A 505 -4.20 7.81 3.16
C THR A 505 -3.70 9.25 3.15
N HIS A 506 -4.64 10.19 3.05
CA HIS A 506 -4.29 11.61 3.01
C HIS A 506 -4.44 12.24 4.40
N PHE A 507 -4.63 11.40 5.41
CA PHE A 507 -4.83 11.85 6.79
C PHE A 507 -3.81 12.85 7.34
N ILE A 508 -2.53 12.66 7.04
CA ILE A 508 -1.50 13.56 7.55
C ILE A 508 -1.68 15.01 7.12
N GLN A 509 -1.67 15.28 5.82
CA GLN A 509 -1.79 16.66 5.35
C GLN A 509 -3.16 17.27 5.60
N LEU A 510 -4.22 16.47 5.50
CA LEU A 510 -5.56 17.00 5.73
C LEU A 510 -5.72 17.39 7.19
N SER A 511 -5.11 16.62 8.09
CA SER A 511 -5.17 16.95 9.51
C SER A 511 -4.46 18.29 9.70
N ARG A 512 -3.35 18.46 8.99
CA ARG A 512 -2.55 19.68 9.08
C ARG A 512 -3.35 20.91 8.64
N LEU A 513 -4.26 20.73 7.69
CA LEU A 513 -5.08 21.84 7.18
C LEU A 513 -6.08 22.35 8.21
N ARG A 514 -6.44 21.50 9.18
CA ARG A 514 -7.40 21.88 10.22
C ARG A 514 -6.80 22.04 11.61
N ALA A 515 -5.63 21.47 11.82
CA ALA A 515 -4.98 21.51 13.13
C ALA A 515 -4.65 22.89 13.68
N GLY A 516 -4.58 23.89 12.82
CA GLY A 516 -4.24 25.24 13.28
C GLY A 516 -5.32 25.95 14.09
N SER A 517 -6.54 25.43 14.06
CA SER A 517 -7.65 26.04 14.80
C SER A 517 -7.91 25.40 16.16
N LYS A 518 -8.27 26.23 17.13
CA LYS A 518 -8.58 25.73 18.47
C LYS A 518 -9.90 24.99 18.42
N ASN A 519 -10.80 25.48 17.57
CA ASN A 519 -12.11 24.86 17.38
C ASN A 519 -12.09 24.14 16.03
N LEU A 520 -12.01 22.81 16.08
CA LEU A 520 -11.95 22.00 14.88
C LEU A 520 -13.21 22.01 14.03
N VAL A 521 -13.01 21.94 12.72
CA VAL A 521 -14.09 21.91 11.75
C VAL A 521 -13.79 20.80 10.76
N SER A 522 -14.82 20.02 10.43
CA SER A 522 -14.67 18.90 9.49
C SER A 522 -14.21 19.38 8.11
N LEU A 523 -13.56 18.47 7.38
CA LEU A 523 -13.10 18.76 6.04
C LEU A 523 -13.58 17.60 5.18
N LYS B 2 -8.44 42.35 -17.54
CA LYS B 2 -9.82 41.99 -17.10
C LYS B 2 -9.75 41.27 -15.76
N VAL B 3 -10.42 41.82 -14.76
CA VAL B 3 -10.43 41.23 -13.43
C VAL B 3 -11.82 40.75 -13.02
N TRP B 4 -11.90 39.51 -12.53
CA TRP B 4 -13.16 38.94 -12.10
C TRP B 4 -13.22 38.78 -10.59
N ASN B 5 -14.12 39.53 -9.96
CA ASN B 5 -14.28 39.47 -8.51
C ASN B 5 -15.13 38.23 -8.22
N ALA B 6 -14.47 37.17 -7.76
CA ALA B 6 -15.17 35.92 -7.46
C ALA B 6 -15.50 35.77 -5.98
N ARG B 7 -15.15 36.78 -5.20
CA ARG B 7 -15.39 36.76 -3.75
C ARG B 7 -16.79 36.31 -3.35
N ASN B 8 -17.80 36.88 -3.99
CA ASN B 8 -19.19 36.55 -3.67
C ASN B 8 -19.76 35.43 -4.54
N ASP B 9 -18.91 34.82 -5.37
CA ASP B 9 -19.34 33.73 -6.23
C ASP B 9 -18.97 32.42 -5.54
N HIS B 10 -19.79 31.39 -5.72
CA HIS B 10 -19.54 30.10 -5.11
C HIS B 10 -19.67 28.94 -6.09
N LEU B 11 -18.65 28.78 -6.93
CA LEU B 11 -18.64 27.71 -7.92
C LEU B 11 -18.36 26.37 -7.27
N THR B 12 -18.94 25.31 -7.83
CA THR B 12 -18.72 23.97 -7.32
C THR B 12 -17.35 23.52 -7.81
N ILE B 13 -16.95 22.32 -7.41
CA ILE B 13 -15.66 21.79 -7.82
C ILE B 13 -15.59 21.65 -9.33
N ASN B 14 -16.64 21.07 -9.92
CA ASN B 14 -16.69 20.89 -11.37
C ASN B 14 -16.81 22.20 -12.13
N GLN B 15 -17.51 23.17 -11.56
CA GLN B 15 -17.66 24.46 -12.22
C GLN B 15 -16.30 25.13 -12.27
N TRP B 16 -15.56 25.04 -11.17
CA TRP B 16 -14.22 25.63 -11.11
C TRP B 16 -13.35 24.96 -12.16
N ALA B 17 -13.45 23.65 -12.26
CA ALA B 17 -12.67 22.88 -13.22
C ALA B 17 -12.89 23.42 -14.63
N THR B 18 -14.15 23.70 -14.95
CA THR B 18 -14.50 24.22 -16.27
C THR B 18 -13.98 25.64 -16.49
N ARG B 19 -14.16 26.50 -15.49
CA ARG B 19 -13.71 27.89 -15.58
C ARG B 19 -12.19 28.00 -15.73
N ILE B 20 -11.47 27.10 -15.07
CA ILE B 20 -10.01 27.11 -15.13
C ILE B 20 -9.53 26.70 -16.53
N ASP B 21 -10.16 25.69 -17.10
CA ASP B 21 -9.80 25.21 -18.43
C ASP B 21 -9.99 26.35 -19.42
N GLU B 22 -11.11 27.06 -19.28
CA GLU B 22 -11.43 28.19 -20.16
C GLU B 22 -10.38 29.30 -20.08
N ILE B 23 -9.91 29.58 -18.87
CA ILE B 23 -8.92 30.62 -18.66
C ILE B 23 -7.55 30.21 -19.17
N LEU B 24 -7.21 28.94 -19.01
CA LEU B 24 -5.93 28.41 -19.46
C LEU B 24 -5.80 28.41 -20.99
N GLU B 25 -6.85 27.97 -21.67
CA GLU B 25 -6.85 27.93 -23.13
C GLU B 25 -7.32 29.25 -23.74
N ALA B 26 -7.35 30.31 -22.95
CA ALA B 26 -7.79 31.62 -23.43
C ALA B 26 -6.63 32.31 -24.16
N PRO B 27 -6.85 32.72 -25.42
CA PRO B 27 -5.83 33.39 -26.25
C PRO B 27 -5.24 34.62 -25.56
N ASP B 28 -6.09 35.46 -24.96
CA ASP B 28 -5.62 36.66 -24.28
C ASP B 28 -4.88 36.36 -22.97
N GLY B 29 -4.96 35.11 -22.54
CA GLY B 29 -4.30 34.73 -21.29
C GLY B 29 -5.27 34.43 -20.19
N GLY B 30 -6.49 34.95 -20.32
CA GLY B 30 -7.50 34.71 -19.31
C GLY B 30 -7.67 35.88 -18.36
N GLU B 31 -8.83 35.93 -17.70
CA GLU B 31 -9.13 36.99 -16.76
C GLU B 31 -8.53 36.66 -15.40
N VAL B 32 -8.20 37.70 -14.63
CA VAL B 32 -7.63 37.52 -13.31
C VAL B 32 -8.70 37.10 -12.31
N ILE B 33 -8.38 36.09 -11.50
CA ILE B 33 -9.31 35.61 -10.49
C ILE B 33 -9.05 36.40 -9.20
N TYR B 34 -9.97 37.30 -8.88
CA TYR B 34 -9.84 38.16 -7.71
C TYR B 34 -10.73 37.69 -6.55
N ASN B 35 -10.12 37.08 -5.55
CA ASN B 35 -10.85 36.60 -4.38
C ASN B 35 -10.32 37.24 -3.10
N VAL B 36 -10.65 38.51 -2.90
CA VAL B 36 -10.21 39.25 -1.72
C VAL B 36 -11.38 39.72 -0.88
N ASP B 37 -11.18 39.79 0.44
CA ASP B 37 -12.22 40.25 1.36
C ASP B 37 -12.18 41.77 1.38
N GLU B 38 -13.29 42.39 0.98
CA GLU B 38 -13.38 43.84 0.91
C GLU B 38 -13.84 44.52 2.21
N ASN B 39 -14.10 43.72 3.24
CA ASN B 39 -14.56 44.28 4.52
C ASN B 39 -13.55 44.13 5.65
N ASP B 40 -12.57 43.26 5.48
CA ASP B 40 -11.55 43.04 6.50
C ASP B 40 -10.62 44.24 6.62
N PRO B 41 -10.63 44.90 7.79
CA PRO B 41 -9.79 46.07 8.06
C PRO B 41 -8.35 45.73 8.43
N ARG B 42 -8.13 44.51 8.90
CA ARG B 42 -6.79 44.07 9.30
C ARG B 42 -5.78 44.14 8.16
N GLU B 43 -4.51 44.30 8.53
CA GLU B 43 -3.44 44.35 7.55
C GLU B 43 -2.95 42.91 7.41
N TYR B 44 -2.70 42.48 6.18
CA TYR B 44 -2.22 41.12 5.95
C TYR B 44 -1.02 40.77 6.82
N ASP B 45 -1.12 39.66 7.54
CA ASP B 45 -0.01 39.22 8.38
C ASP B 45 1.09 38.77 7.45
N ALA B 46 0.69 38.23 6.30
CA ALA B 46 1.65 37.76 5.30
C ALA B 46 1.03 37.59 3.94
N ILE B 47 1.79 37.97 2.92
CA ILE B 47 1.36 37.81 1.53
C ILE B 47 2.24 36.69 1.00
N PHE B 48 1.61 35.64 0.47
CA PHE B 48 2.37 34.52 -0.06
C PHE B 48 2.62 34.70 -1.55
N ILE B 49 3.89 34.74 -1.92
CA ILE B 49 4.27 34.86 -3.32
C ILE B 49 4.31 33.43 -3.85
N GLY B 50 3.21 33.01 -4.45
CA GLY B 50 3.11 31.66 -4.97
C GLY B 50 2.07 30.91 -4.14
N GLY B 51 1.17 30.22 -4.80
CA GLY B 51 0.13 29.49 -4.08
C GLY B 51 0.19 28.00 -4.31
N GLY B 52 1.40 27.46 -4.40
CA GLY B 52 1.57 26.03 -4.59
C GLY B 52 1.47 25.30 -3.26
N ALA B 53 2.14 24.16 -3.16
CA ALA B 53 2.11 23.36 -1.92
C ALA B 53 2.43 24.18 -0.67
N ALA B 54 3.55 24.90 -0.69
CA ALA B 54 3.96 25.69 0.46
C ALA B 54 3.05 26.89 0.71
N GLY B 55 2.76 27.64 -0.35
CA GLY B 55 1.91 28.82 -0.20
C GLY B 55 0.49 28.54 0.23
N ARG B 56 -0.12 27.51 -0.36
CA ARG B 56 -1.50 27.16 -0.05
C ARG B 56 -1.61 26.64 1.38
N PHE B 57 -0.72 25.72 1.75
CA PHE B 57 -0.75 25.17 3.10
C PHE B 57 -0.39 26.22 4.14
N GLY B 58 0.62 27.02 3.83
CA GLY B 58 1.03 28.07 4.76
C GLY B 58 -0.14 29.00 5.02
N SER B 59 -0.87 29.35 3.96
CA SER B 59 -2.03 30.24 4.08
C SER B 59 -3.15 29.57 4.88
N ALA B 60 -3.41 28.30 4.59
CA ALA B 60 -4.45 27.55 5.28
C ALA B 60 -4.19 27.53 6.78
N TYR B 61 -2.94 27.29 7.17
CA TYR B 61 -2.60 27.24 8.57
C TYR B 61 -2.67 28.62 9.22
N LEU B 62 -2.13 29.62 8.54
CA LEU B 62 -2.14 30.98 9.06
C LEU B 62 -3.57 31.44 9.31
N ARG B 63 -4.46 31.16 8.36
CA ARG B 63 -5.86 31.54 8.48
C ARG B 63 -6.51 30.78 9.64
N ALA B 64 -6.16 29.50 9.76
CA ALA B 64 -6.71 28.67 10.84
C ALA B 64 -6.33 29.25 12.20
N MET B 65 -5.16 29.87 12.27
CA MET B 65 -4.69 30.48 13.52
C MET B 65 -5.40 31.79 13.80
N GLY B 66 -6.17 32.27 12.82
CA GLY B 66 -6.91 33.50 13.01
C GLY B 66 -6.25 34.73 12.40
N GLY B 67 -5.20 34.52 11.61
CA GLY B 67 -4.51 35.64 10.99
C GLY B 67 -5.06 35.90 9.60
N ARG B 68 -4.56 36.94 8.93
CA ARG B 68 -5.00 37.24 7.59
C ARG B 68 -3.88 37.02 6.59
N GLN B 69 -4.21 36.36 5.48
CA GLN B 69 -3.22 36.06 4.46
C GLN B 69 -3.74 36.39 3.06
N LEU B 70 -2.82 36.44 2.11
CA LEU B 70 -3.15 36.71 0.72
C LEU B 70 -2.21 35.95 -0.19
N ILE B 71 -2.78 35.17 -1.09
CA ILE B 71 -2.00 34.39 -2.04
C ILE B 71 -2.05 35.06 -3.40
N VAL B 72 -0.91 35.08 -4.07
CA VAL B 72 -0.81 35.63 -5.42
C VAL B 72 -0.07 34.61 -6.26
N ASP B 73 -0.72 34.11 -7.30
CA ASP B 73 -0.10 33.10 -8.15
C ASP B 73 -0.32 33.41 -9.63
N ARG B 74 0.71 33.16 -10.44
CA ARG B 74 0.61 33.44 -11.87
C ARG B 74 -0.28 32.43 -12.60
N TRP B 75 -0.52 31.28 -11.98
CA TRP B 75 -1.39 30.27 -12.57
C TRP B 75 -2.82 30.54 -12.12
N PRO B 76 -3.83 30.16 -12.93
CA PRO B 76 -5.23 30.38 -12.58
C PRO B 76 -5.78 29.37 -11.58
N PHE B 77 -4.87 28.67 -10.89
CA PHE B 77 -5.29 27.68 -9.91
C PHE B 77 -4.30 27.60 -8.76
N LEU B 78 -4.72 26.97 -7.68
CA LEU B 78 -3.88 26.78 -6.50
C LEU B 78 -3.40 25.34 -6.51
N GLY B 79 -2.32 25.06 -5.80
CA GLY B 79 -1.80 23.71 -5.77
C GLY B 79 -0.38 23.62 -6.31
N GLY B 80 -0.05 24.54 -7.21
CA GLY B 80 1.30 24.56 -7.77
C GLY B 80 1.61 23.52 -8.82
N SER B 81 2.89 23.15 -8.89
CA SER B 81 3.38 22.19 -9.88
C SER B 81 2.89 20.75 -9.76
N CYS B 82 2.79 20.26 -8.53
CA CYS B 82 2.38 18.87 -8.31
C CYS B 82 1.15 18.47 -9.12
N PRO B 83 0.05 19.23 -9.02
CA PRO B 83 -1.14 18.85 -9.79
C PRO B 83 -1.08 19.19 -11.28
N HIS B 84 -0.25 20.17 -11.65
CA HIS B 84 -0.17 20.57 -13.04
C HIS B 84 0.88 19.87 -13.89
N ASN B 85 2.04 19.58 -13.31
CA ASN B 85 3.09 18.93 -14.09
C ASN B 85 4.13 18.16 -13.29
N ALA B 86 3.88 17.97 -11.99
CA ALA B 86 4.85 17.26 -11.16
C ALA B 86 4.36 15.93 -10.60
N CYS B 87 4.16 15.85 -9.28
CA CYS B 87 3.76 14.58 -8.71
C CYS B 87 2.51 13.89 -9.24
N VAL B 88 1.44 14.63 -9.52
CA VAL B 88 0.23 13.97 -10.00
C VAL B 88 0.44 13.25 -11.33
N PRO B 89 0.91 13.96 -12.37
CA PRO B 89 1.11 13.23 -13.62
C PRO B 89 2.12 12.10 -13.44
N HIS B 90 3.15 12.36 -12.65
CA HIS B 90 4.18 11.37 -12.36
C HIS B 90 3.55 10.08 -11.81
N HIS B 91 2.60 10.21 -10.88
CA HIS B 91 1.95 9.03 -10.34
C HIS B 91 1.03 8.35 -11.35
N LEU B 92 0.43 9.12 -12.26
CA LEU B 92 -0.41 8.51 -13.28
C LEU B 92 0.52 7.67 -14.16
N PHE B 93 1.68 8.22 -14.50
CA PHE B 93 2.65 7.51 -15.33
C PHE B 93 3.21 6.28 -14.63
N SER B 94 3.46 6.38 -13.34
CA SER B 94 4.00 5.25 -12.60
C SER B 94 2.95 4.15 -12.47
N ASP B 95 1.69 4.52 -12.36
CA ASP B 95 0.62 3.54 -12.28
C ASP B 95 0.66 2.75 -13.58
N CYS B 96 0.80 3.45 -14.70
CA CYS B 96 0.87 2.79 -16.00
C CYS B 96 2.10 1.88 -16.10
N ALA B 97 3.23 2.34 -15.57
CA ALA B 97 4.46 1.55 -15.62
C ALA B 97 4.30 0.22 -14.89
N ALA B 98 3.66 0.26 -13.73
CA ALA B 98 3.46 -0.95 -12.94
C ALA B 98 2.47 -1.90 -13.60
N GLU B 99 1.36 -1.34 -14.09
CA GLU B 99 0.35 -2.15 -14.76
C GLU B 99 0.90 -2.75 -16.04
N LEU B 100 1.70 -1.98 -16.76
CA LEU B 100 2.29 -2.48 -18.00
C LEU B 100 3.33 -3.56 -17.76
N MET B 101 4.12 -3.46 -16.69
CA MET B 101 5.10 -4.50 -16.42
C MET B 101 4.36 -5.81 -16.19
N LEU B 102 3.24 -5.73 -15.48
CA LEU B 102 2.44 -6.91 -15.19
C LEU B 102 1.88 -7.51 -16.48
N ALA B 103 1.28 -6.66 -17.31
CA ALA B 103 0.72 -7.12 -18.58
C ALA B 103 1.76 -7.73 -19.51
N ARG B 104 2.96 -7.17 -19.52
CA ARG B 104 4.00 -7.71 -20.39
C ARG B 104 4.54 -9.03 -19.85
N THR B 105 4.60 -9.15 -18.52
CA THR B 105 5.09 -10.37 -17.89
C THR B 105 4.15 -11.54 -18.15
N PHE B 106 2.85 -11.26 -18.11
CA PHE B 106 1.86 -12.32 -18.34
C PHE B 106 1.15 -12.19 -19.68
N SER B 107 1.84 -11.58 -20.63
CA SER B 107 1.31 -11.37 -21.97
C SER B 107 0.77 -12.69 -22.55
N GLY B 108 -0.46 -12.64 -23.07
CA GLY B 108 -1.05 -13.84 -23.65
C GLY B 108 -1.46 -14.89 -22.63
N GLN B 109 -1.71 -14.44 -21.40
CA GLN B 109 -2.12 -15.34 -20.34
C GLN B 109 -3.35 -14.79 -19.61
N TYR B 110 -4.29 -15.65 -19.33
CA TYR B 110 -5.53 -15.28 -18.64
C TYR B 110 -6.25 -14.19 -19.43
N TRP B 111 -6.49 -13.06 -18.76
CA TRP B 111 -7.22 -11.95 -19.40
C TRP B 111 -6.25 -10.94 -20.00
N PHE B 112 -4.95 -11.22 -19.90
CA PHE B 112 -3.92 -10.34 -20.43
C PHE B 112 -3.74 -10.50 -21.93
N PRO B 113 -3.84 -9.40 -22.68
CA PRO B 113 -3.67 -9.44 -24.14
C PRO B 113 -2.22 -9.68 -24.51
N ASP B 114 -1.96 -9.89 -25.80
CA ASP B 114 -0.62 -10.13 -26.29
C ASP B 114 0.09 -8.79 -26.40
N MET B 115 1.18 -8.63 -25.65
CA MET B 115 1.95 -7.38 -25.65
C MET B 115 3.21 -7.46 -26.52
N THR B 116 3.43 -8.61 -27.16
CA THR B 116 4.61 -8.82 -28.00
C THR B 116 5.09 -7.62 -28.79
N GLU B 117 4.27 -7.16 -29.73
CA GLU B 117 4.64 -6.01 -30.54
C GLU B 117 3.72 -4.83 -30.26
N LYS B 118 3.28 -4.73 -29.01
CA LYS B 118 2.38 -3.66 -28.59
C LYS B 118 3.14 -2.47 -28.02
N VAL B 119 2.96 -1.32 -28.66
CA VAL B 119 3.57 -0.08 -28.21
C VAL B 119 2.45 0.83 -27.76
N VAL B 120 2.48 1.19 -26.48
CA VAL B 120 1.46 2.05 -25.90
C VAL B 120 1.75 3.50 -26.26
N GLY B 121 0.71 4.26 -26.54
CA GLY B 121 0.89 5.65 -26.89
C GLY B 121 1.20 6.54 -25.69
N ILE B 122 2.38 7.14 -25.71
CA ILE B 122 2.80 8.04 -24.65
C ILE B 122 1.91 9.29 -24.71
N LYS B 123 1.66 9.78 -25.92
CA LYS B 123 0.83 10.96 -26.08
C LYS B 123 -0.59 10.70 -25.60
N GLU B 124 -1.10 9.49 -25.83
CA GLU B 124 -2.45 9.17 -25.37
C GLU B 124 -2.57 9.31 -23.86
N VAL B 125 -1.55 8.87 -23.13
CA VAL B 125 -1.57 8.96 -21.68
C VAL B 125 -1.37 10.40 -21.21
N VAL B 126 -0.47 11.13 -21.87
CA VAL B 126 -0.24 12.52 -21.52
C VAL B 126 -1.52 13.30 -21.80
N ASP B 127 -2.17 12.97 -22.91
CA ASP B 127 -3.42 13.63 -23.28
C ASP B 127 -4.48 13.30 -22.24
N LEU B 128 -4.43 12.09 -21.69
CA LEU B 128 -5.38 11.68 -20.65
C LEU B 128 -5.19 12.58 -19.45
N PHE B 129 -3.93 12.83 -19.08
CA PHE B 129 -3.64 13.70 -17.95
C PHE B 129 -4.10 15.12 -18.21
N ARG B 130 -3.78 15.64 -19.40
CA ARG B 130 -4.17 16.99 -19.77
C ARG B 130 -5.69 17.17 -19.73
N ALA B 131 -6.41 16.14 -20.12
CA ALA B 131 -7.87 16.19 -20.16
C ALA B 131 -8.53 16.18 -18.78
N GLY B 132 -7.82 15.67 -17.78
CA GLY B 132 -8.40 15.61 -16.45
C GLY B 132 -7.71 16.36 -15.33
N ARG B 133 -6.59 17.02 -15.63
CA ARG B 133 -5.88 17.74 -14.57
C ARG B 133 -6.63 18.94 -14.02
N ASN B 134 -7.57 19.50 -14.80
CA ASN B 134 -8.32 20.64 -14.30
C ASN B 134 -9.28 20.17 -13.21
N GLY B 135 -9.45 18.85 -13.10
CA GLY B 135 -10.31 18.30 -12.07
C GLY B 135 -9.69 18.64 -10.73
N PRO B 136 -8.45 18.19 -10.48
CA PRO B 136 -7.80 18.50 -9.21
C PRO B 136 -7.71 20.01 -8.98
N HIS B 137 -7.47 20.77 -10.04
CA HIS B 137 -7.36 22.22 -9.92
C HIS B 137 -8.67 22.79 -9.40
N GLY B 138 -9.77 22.19 -9.82
CA GLY B 138 -11.08 22.65 -9.39
C GLY B 138 -11.27 22.42 -7.90
N ILE B 139 -10.87 21.25 -7.43
CA ILE B 139 -10.99 20.93 -6.01
C ILE B 139 -10.16 21.89 -5.16
N MET B 140 -8.99 22.27 -5.67
CA MET B 140 -8.11 23.17 -4.94
C MET B 140 -8.67 24.59 -4.84
N ASN B 141 -9.20 25.13 -5.94
CA ASN B 141 -9.77 26.47 -5.88
C ASN B 141 -10.98 26.47 -4.95
N PHE B 142 -11.78 25.40 -5.04
CA PHE B 142 -12.96 25.28 -4.20
C PHE B 142 -12.62 25.12 -2.73
N GLN B 143 -11.84 24.08 -2.43
CA GLN B 143 -11.45 23.81 -1.05
C GLN B 143 -10.80 25.01 -0.38
N SER B 144 -9.92 25.70 -1.10
CA SER B 144 -9.22 26.85 -0.57
C SER B 144 -10.15 28.01 -0.22
N LYS B 145 -11.13 28.25 -1.09
CA LYS B 145 -12.07 29.36 -0.88
C LYS B 145 -13.24 29.04 0.06
N GLU B 146 -13.97 27.97 -0.25
CA GLU B 146 -15.14 27.60 0.53
C GLU B 146 -14.88 26.86 1.84
N GLN B 147 -13.80 26.09 1.91
CA GLN B 147 -13.50 25.33 3.12
C GLN B 147 -12.39 25.88 4.00
N LEU B 148 -11.34 26.40 3.38
CA LEU B 148 -10.20 26.94 4.14
C LEU B 148 -10.28 28.45 4.38
N ASN B 149 -11.34 29.07 3.87
CA ASN B 149 -11.58 30.49 4.04
C ASN B 149 -10.39 31.37 3.66
N LEU B 150 -9.74 31.05 2.53
CA LEU B 150 -8.59 31.82 2.10
C LEU B 150 -8.90 32.93 1.11
N GLU B 151 -8.00 33.90 1.05
CA GLU B 151 -8.10 35.02 0.13
C GLU B 151 -7.01 34.78 -0.91
N TYR B 152 -7.32 35.02 -2.18
CA TYR B 152 -6.32 34.81 -3.21
C TYR B 152 -6.59 35.50 -4.54
N ILE B 153 -5.52 35.73 -5.29
CA ILE B 153 -5.58 36.34 -6.60
C ILE B 153 -4.81 35.40 -7.52
N LEU B 154 -5.50 34.81 -8.48
CA LEU B 154 -4.87 33.87 -9.39
C LEU B 154 -4.74 34.38 -10.82
N ASN B 155 -3.94 33.66 -11.61
CA ASN B 155 -3.69 34.00 -13.01
C ASN B 155 -3.15 35.41 -13.15
N CYS B 156 -2.20 35.75 -12.29
CA CYS B 156 -1.58 37.07 -12.30
C CYS B 156 -0.28 37.00 -11.50
N PRO B 157 0.85 37.29 -12.15
CA PRO B 157 2.15 37.26 -11.48
C PRO B 157 2.26 38.33 -10.39
N ALA B 158 2.97 38.01 -9.32
CA ALA B 158 3.15 38.94 -8.21
C ALA B 158 4.32 39.89 -8.48
N LYS B 159 4.17 41.13 -8.03
CA LYS B 159 5.21 42.14 -8.22
C LYS B 159 5.70 42.63 -6.85
N VAL B 160 6.84 42.08 -6.41
CA VAL B 160 7.41 42.47 -5.13
C VAL B 160 8.17 43.79 -5.21
N ILE B 161 7.67 44.81 -4.50
CA ILE B 161 8.30 46.12 -4.49
C ILE B 161 9.35 46.14 -3.38
N ASP B 162 8.92 45.87 -2.17
CA ASP B 162 9.81 45.84 -1.01
C ASP B 162 9.33 44.76 -0.04
N ASN B 163 10.06 44.58 1.07
CA ASN B 163 9.69 43.55 2.03
C ASN B 163 8.33 43.72 2.70
N HIS B 164 7.55 44.69 2.23
CA HIS B 164 6.22 44.92 2.79
C HIS B 164 5.20 45.33 1.72
N THR B 165 5.62 45.38 0.46
CA THR B 165 4.73 45.78 -0.61
C THR B 165 4.75 44.89 -1.84
N VAL B 166 3.56 44.59 -2.36
CA VAL B 166 3.42 43.75 -3.54
C VAL B 166 2.30 44.24 -4.44
N GLU B 167 2.56 44.28 -5.74
CA GLU B 167 1.56 44.71 -6.70
C GLU B 167 0.94 43.51 -7.41
N ALA B 168 -0.39 43.48 -7.45
CA ALA B 168 -1.11 42.39 -8.10
C ALA B 168 -2.49 42.85 -8.57
N ALA B 169 -2.92 42.33 -9.71
CA ALA B 169 -4.22 42.69 -10.28
C ALA B 169 -4.34 44.19 -10.49
N GLY B 170 -3.21 44.85 -10.74
CA GLY B 170 -3.22 46.28 -10.96
C GLY B 170 -3.31 47.09 -9.67
N LYS B 171 -3.24 46.41 -8.54
CA LYS B 171 -3.32 47.08 -7.24
C LYS B 171 -2.04 46.89 -6.44
N VAL B 172 -1.96 47.59 -5.31
CA VAL B 172 -0.79 47.51 -4.44
C VAL B 172 -1.22 47.06 -3.04
N PHE B 173 -0.60 45.98 -2.55
CA PHE B 173 -0.94 45.46 -1.24
C PHE B 173 0.20 45.59 -0.24
N LYS B 174 -0.15 45.76 1.02
CA LYS B 174 0.81 45.89 2.10
C LYS B 174 0.70 44.68 3.02
N ALA B 175 1.81 44.31 3.65
CA ALA B 175 1.81 43.18 4.56
C ALA B 175 2.91 43.32 5.59
N LYS B 176 2.70 42.71 6.75
CA LYS B 176 3.67 42.76 7.83
C LYS B 176 4.85 41.87 7.47
N ASN B 177 4.58 40.80 6.74
CA ASN B 177 5.60 39.85 6.34
C ASN B 177 5.35 39.33 4.93
N LEU B 178 6.41 38.76 4.34
CA LEU B 178 6.32 38.18 3.02
C LEU B 178 6.84 36.75 3.11
N ILE B 179 6.14 35.83 2.47
CA ILE B 179 6.57 34.43 2.47
C ILE B 179 6.76 34.06 1.01
N LEU B 180 8.01 33.91 0.61
CA LEU B 180 8.37 33.56 -0.77
C LEU B 180 8.20 32.06 -0.99
N ALA B 181 7.31 31.70 -1.89
CA ALA B 181 7.04 30.29 -2.18
C ALA B 181 6.85 30.06 -3.68
N VAL B 182 7.77 30.57 -4.48
CA VAL B 182 7.71 30.44 -5.94
C VAL B 182 8.29 29.14 -6.48
N GLY B 183 8.72 28.25 -5.59
CA GLY B 183 9.25 26.96 -6.01
C GLY B 183 10.51 26.93 -6.85
N ALA B 184 10.58 25.94 -7.75
CA ALA B 184 11.74 25.76 -8.61
C ALA B 184 11.34 25.40 -10.03
N GLY B 185 12.28 25.54 -10.96
CA GLY B 185 12.02 25.23 -12.36
C GLY B 185 12.87 24.06 -12.85
N PRO B 186 12.51 23.46 -13.99
CA PRO B 186 13.23 22.33 -14.57
C PRO B 186 14.71 22.61 -14.86
N GLY B 187 15.56 21.63 -14.59
CA GLY B 187 16.97 21.79 -14.86
C GLY B 187 17.18 21.62 -16.35
N THR B 188 18.29 22.11 -16.88
CA THR B 188 18.56 21.98 -18.31
C THR B 188 20.04 21.70 -18.60
N LEU B 189 20.38 21.62 -19.88
CA LEU B 189 21.75 21.36 -20.31
C LEU B 189 22.23 22.48 -21.22
N ASP B 190 23.52 22.78 -21.16
CA ASP B 190 24.09 23.83 -22.00
C ASP B 190 24.77 23.21 -23.22
N VAL B 191 24.08 22.30 -23.88
CA VAL B 191 24.60 21.61 -25.05
C VAL B 191 23.84 21.96 -26.32
N PRO B 192 24.51 21.86 -27.49
CA PRO B 192 23.87 22.18 -28.77
C PRO B 192 22.68 21.26 -28.98
N GLY B 193 21.56 21.83 -29.40
CA GLY B 193 20.38 21.03 -29.67
C GLY B 193 19.40 20.88 -28.52
N VAL B 194 19.75 21.39 -27.35
CA VAL B 194 18.87 21.28 -26.19
C VAL B 194 17.52 21.97 -26.43
N ASN B 195 17.51 22.93 -27.36
CA ASN B 195 16.28 23.67 -27.67
C ASN B 195 15.55 23.11 -28.88
N ALA B 196 15.99 21.96 -29.37
CA ALA B 196 15.38 21.31 -30.53
C ALA B 196 14.00 20.75 -30.22
N LYS B 197 13.18 20.58 -31.26
CA LYS B 197 11.85 20.02 -31.10
C LYS B 197 12.07 18.54 -30.81
N GLY B 198 11.50 18.06 -29.70
CA GLY B 198 11.69 16.67 -29.35
C GLY B 198 12.38 16.54 -28.00
N VAL B 199 12.84 17.66 -27.45
CA VAL B 199 13.49 17.65 -26.14
C VAL B 199 12.45 18.13 -25.13
N PHE B 200 12.25 17.35 -24.07
CA PHE B 200 11.25 17.69 -23.05
C PHE B 200 11.78 17.52 -21.64
N ASP B 201 11.04 18.09 -20.68
CA ASP B 201 11.31 17.93 -19.26
C ASP B 201 9.91 17.69 -18.69
N HIS B 202 9.79 17.46 -17.39
CA HIS B 202 8.47 17.19 -16.83
C HIS B 202 7.43 18.26 -17.12
N ALA B 203 7.88 19.52 -17.18
CA ALA B 203 6.96 20.62 -17.43
C ALA B 203 6.51 20.73 -18.88
N THR B 204 7.44 20.70 -19.82
CA THR B 204 7.07 20.82 -21.22
C THR B 204 6.40 19.57 -21.78
N LEU B 205 6.66 18.42 -21.17
CA LEU B 205 6.05 17.18 -21.65
C LEU B 205 4.53 17.22 -21.64
N VAL B 206 3.95 17.83 -20.61
CA VAL B 206 2.51 17.90 -20.50
C VAL B 206 1.90 19.15 -21.15
N GLU B 207 2.70 19.89 -21.89
CA GLU B 207 2.20 21.10 -22.56
C GLU B 207 2.50 21.13 -24.05
N GLU B 208 3.61 20.50 -24.47
CA GLU B 208 3.99 20.56 -25.87
C GLU B 208 4.19 19.24 -26.64
N LEU B 209 3.72 18.12 -26.10
CA LEU B 209 3.89 16.87 -26.84
C LEU B 209 2.82 16.77 -27.93
N ASP B 210 3.22 17.06 -29.16
CA ASP B 210 2.28 17.04 -30.28
C ASP B 210 2.49 15.89 -31.26
N TYR B 211 3.25 14.89 -30.85
CA TYR B 211 3.51 13.74 -31.69
C TYR B 211 3.76 12.54 -30.81
N GLU B 212 3.73 11.35 -31.41
CA GLU B 212 3.97 10.12 -30.67
C GLU B 212 5.43 9.75 -30.86
N PRO B 213 6.21 9.68 -29.77
CA PRO B 213 7.63 9.33 -29.83
C PRO B 213 7.96 8.05 -30.59
N GLY B 214 9.18 8.01 -31.13
CA GLY B 214 9.64 6.84 -31.87
C GLY B 214 9.96 5.67 -30.95
N SER B 215 10.61 4.65 -31.50
CA SER B 215 10.93 3.45 -30.75
C SER B 215 12.02 3.56 -29.69
N THR B 216 12.86 4.58 -29.76
CA THR B 216 13.92 4.74 -28.77
C THR B 216 13.78 6.06 -28.04
N VAL B 217 13.94 6.01 -26.73
CA VAL B 217 13.85 7.20 -25.88
C VAL B 217 15.15 7.36 -25.11
N VAL B 218 15.64 8.60 -25.02
CA VAL B 218 16.85 8.87 -24.26
C VAL B 218 16.46 9.74 -23.06
N VAL B 219 16.83 9.28 -21.87
CA VAL B 219 16.54 10.02 -20.65
C VAL B 219 17.86 10.51 -20.07
N VAL B 220 17.91 11.76 -19.66
CA VAL B 220 19.14 12.31 -19.07
C VAL B 220 18.91 12.51 -17.58
N GLY B 221 19.75 11.88 -16.77
CA GLY B 221 19.61 11.97 -15.33
C GLY B 221 19.53 10.59 -14.69
N GLY B 222 19.75 10.50 -13.39
CA GLY B 222 19.72 9.21 -12.74
C GLY B 222 19.00 9.14 -11.41
N SER B 223 18.32 10.22 -11.04
CA SER B 223 17.59 10.22 -9.76
C SER B 223 16.09 9.96 -9.97
N LYS B 224 15.29 10.36 -8.98
CA LYS B 224 13.84 10.13 -9.02
C LYS B 224 13.09 10.39 -10.33
N THR B 225 13.07 11.63 -10.78
CA THR B 225 12.34 11.99 -12.00
C THR B 225 12.80 11.20 -13.23
N ALA B 226 14.12 11.12 -13.42
CA ALA B 226 14.65 10.38 -14.56
C ALA B 226 14.21 8.92 -14.55
N VAL B 227 14.29 8.28 -13.39
CA VAL B 227 13.91 6.88 -13.28
C VAL B 227 12.41 6.65 -13.36
N GLU B 228 11.62 7.53 -12.73
CA GLU B 228 10.17 7.39 -12.76
C GLU B 228 9.62 7.50 -14.18
N TYR B 229 10.02 8.55 -14.88
CA TYR B 229 9.56 8.74 -16.25
C TYR B 229 10.20 7.72 -17.18
N GLY B 230 11.47 7.41 -16.93
CA GLY B 230 12.16 6.43 -17.75
C GLY B 230 11.49 5.06 -17.72
N CYS B 231 11.07 4.62 -16.54
CA CYS B 231 10.42 3.32 -16.45
C CYS B 231 9.07 3.34 -17.17
N PHE B 232 8.40 4.49 -17.15
CA PHE B 232 7.13 4.61 -17.85
C PHE B 232 7.37 4.49 -19.36
N PHE B 233 8.35 5.22 -19.88
CA PHE B 233 8.62 5.15 -21.32
C PHE B 233 8.98 3.71 -21.70
N ASN B 234 9.80 3.06 -20.88
CA ASN B 234 10.19 1.69 -21.14
C ASN B 234 8.96 0.77 -21.14
N ALA B 235 8.06 1.00 -20.19
CA ALA B 235 6.85 0.19 -20.08
C ALA B 235 5.94 0.29 -21.30
N THR B 236 5.97 1.43 -22.00
CA THR B 236 5.13 1.59 -23.19
C THR B 236 5.70 0.77 -24.36
N GLY B 237 6.87 0.18 -24.16
CA GLY B 237 7.46 -0.64 -25.20
C GLY B 237 8.58 0.00 -26.01
N ARG B 238 9.21 1.03 -25.45
CA ARG B 238 10.28 1.70 -26.16
C ARG B 238 11.65 1.43 -25.53
N ARG B 239 12.66 1.33 -26.37
CA ARG B 239 14.03 1.12 -25.89
C ARG B 239 14.38 2.40 -25.14
N THR B 240 14.68 2.27 -23.86
CA THR B 240 14.98 3.43 -23.04
C THR B 240 16.42 3.42 -22.54
N VAL B 241 17.17 4.44 -22.94
CA VAL B 241 18.57 4.57 -22.55
C VAL B 241 18.71 5.75 -21.60
N MET B 242 19.23 5.48 -20.40
CA MET B 242 19.43 6.54 -19.41
C MET B 242 20.89 6.94 -19.36
N LEU B 243 21.16 8.23 -19.52
CA LEU B 243 22.51 8.75 -19.48
C LEU B 243 22.68 9.46 -18.14
N VAL B 244 23.38 8.80 -17.22
CA VAL B 244 23.60 9.30 -15.87
C VAL B 244 25.01 9.85 -15.69
N ARG B 245 25.09 11.11 -15.26
CA ARG B 245 26.38 11.76 -15.07
C ARG B 245 27.26 11.02 -14.06
N THR B 246 26.66 10.61 -12.95
CA THR B 246 27.40 9.90 -11.91
C THR B 246 26.92 8.45 -11.86
N GLU B 247 26.17 8.10 -10.82
CA GLU B 247 25.64 6.75 -10.66
C GLU B 247 24.15 6.91 -10.36
N PRO B 248 23.32 5.97 -10.84
CA PRO B 248 21.88 6.05 -10.60
C PRO B 248 21.41 5.68 -9.19
N LEU B 249 20.27 6.25 -8.83
CA LEU B 249 19.61 5.98 -7.55
C LEU B 249 20.49 5.97 -6.31
N LYS B 250 21.27 7.03 -6.14
CA LYS B 250 22.14 7.12 -4.97
C LYS B 250 21.34 7.31 -3.68
N LEU B 251 20.07 7.68 -3.83
CA LEU B 251 19.20 7.85 -2.66
C LEU B 251 18.91 6.54 -1.95
N ILE B 252 19.08 5.43 -2.66
CA ILE B 252 18.85 4.10 -2.08
C ILE B 252 20.17 3.66 -1.45
N LYS B 253 20.30 3.92 -0.16
CA LYS B 253 21.52 3.61 0.58
C LYS B 253 21.80 2.15 0.84
N ASP B 254 20.77 1.33 1.03
CA ASP B 254 21.02 -0.09 1.25
C ASP B 254 21.47 -0.71 -0.05
N ASN B 255 22.68 -1.25 -0.07
CA ASN B 255 23.24 -1.84 -1.28
C ASN B 255 22.39 -2.93 -1.94
N GLU B 256 21.90 -3.88 -1.16
CA GLU B 256 21.09 -4.96 -1.72
C GLU B 256 19.77 -4.44 -2.28
N THR B 257 19.17 -3.47 -1.59
CA THR B 257 17.92 -2.91 -2.06
C THR B 257 18.15 -2.18 -3.39
N ARG B 258 19.21 -1.38 -3.45
CA ARG B 258 19.51 -0.66 -4.68
C ARG B 258 19.79 -1.63 -5.82
N ALA B 259 20.55 -2.68 -5.53
CA ALA B 259 20.87 -3.68 -6.54
C ALA B 259 19.61 -4.37 -7.06
N TYR B 260 18.68 -4.69 -6.17
CA TYR B 260 17.46 -5.35 -6.60
C TYR B 260 16.69 -4.43 -7.54
N VAL B 261 16.58 -3.16 -7.15
CA VAL B 261 15.86 -2.19 -7.97
C VAL B 261 16.50 -2.03 -9.35
N LEU B 262 17.82 -1.86 -9.38
CA LEU B 262 18.52 -1.71 -10.65
C LEU B 262 18.42 -2.98 -11.48
N ASP B 263 18.56 -4.14 -10.84
CA ASP B 263 18.47 -5.41 -11.56
C ASP B 263 17.12 -5.59 -12.23
N ARG B 264 16.04 -5.22 -11.54
CA ARG B 264 14.71 -5.37 -12.11
C ARG B 264 14.48 -4.37 -13.24
N MET B 265 15.13 -3.21 -13.18
CA MET B 265 14.98 -2.24 -14.25
C MET B 265 15.69 -2.78 -15.50
N LYS B 266 16.87 -3.36 -15.31
CA LYS B 266 17.62 -3.91 -16.44
C LYS B 266 16.90 -5.10 -17.03
N GLU B 267 16.24 -5.89 -16.19
CA GLU B 267 15.51 -7.04 -16.68
C GLU B 267 14.36 -6.60 -17.59
N GLN B 268 13.82 -5.41 -17.33
CA GLN B 268 12.73 -4.88 -18.15
C GLN B 268 13.26 -4.29 -19.45
N GLY B 269 14.58 -4.32 -19.62
CA GLY B 269 15.17 -3.80 -20.85
C GLY B 269 15.77 -2.41 -20.79
N MET B 270 15.76 -1.78 -19.62
CA MET B 270 16.32 -0.45 -19.52
C MET B 270 17.83 -0.48 -19.57
N GLU B 271 18.41 0.49 -20.27
CA GLU B 271 19.85 0.60 -20.39
C GLU B 271 20.29 1.81 -19.60
N ILE B 272 21.18 1.59 -18.63
CA ILE B 272 21.65 2.68 -17.80
C ILE B 272 23.16 2.86 -17.97
N ILE B 273 23.55 4.01 -18.51
CA ILE B 273 24.95 4.29 -18.74
C ILE B 273 25.45 5.33 -17.74
N SER B 274 26.34 4.90 -16.83
CA SER B 274 26.89 5.76 -15.82
C SER B 274 28.09 6.55 -16.34
N GLY B 275 28.41 7.64 -15.65
CA GLY B 275 29.54 8.47 -16.03
C GLY B 275 29.41 9.07 -17.42
N SER B 276 28.18 9.28 -17.87
CA SER B 276 27.95 9.83 -19.18
C SER B 276 27.48 11.27 -19.17
N ASN B 277 27.97 12.04 -20.14
CA ASN B 277 27.61 13.44 -20.27
C ASN B 277 27.22 13.75 -21.71
N VAL B 278 25.99 14.21 -21.92
CA VAL B 278 25.54 14.54 -23.25
C VAL B 278 26.43 15.67 -23.77
N THR B 279 26.84 15.57 -25.03
CA THR B 279 27.67 16.61 -25.62
C THR B 279 26.93 17.32 -26.75
N ARG B 280 25.95 16.63 -27.33
CA ARG B 280 25.17 17.22 -28.40
C ARG B 280 23.88 16.48 -28.71
N ILE B 281 22.80 17.22 -28.90
CA ILE B 281 21.53 16.64 -29.28
C ILE B 281 21.43 17.01 -30.76
N GLU B 282 21.57 16.01 -31.62
CA GLU B 282 21.52 16.22 -33.06
C GLU B 282 20.15 16.60 -33.59
N GLU B 283 20.14 17.60 -34.47
CA GLU B 283 18.90 18.05 -35.08
C GLU B 283 18.86 17.64 -36.54
N ASP B 284 17.67 17.31 -37.05
CA ASP B 284 17.55 16.96 -38.45
C ASP B 284 17.32 18.27 -39.21
N ALA B 285 17.10 18.17 -40.51
CA ALA B 285 16.90 19.36 -41.33
C ALA B 285 15.72 20.23 -40.93
N ASN B 286 14.78 19.66 -40.17
CA ASN B 286 13.59 20.39 -39.75
C ASN B 286 13.67 20.89 -38.31
N GLY B 287 14.84 20.74 -37.69
CA GLY B 287 15.01 21.21 -36.32
C GLY B 287 14.50 20.24 -35.26
N ARG B 288 14.30 18.99 -35.64
CA ARG B 288 13.82 17.99 -34.71
C ARG B 288 14.98 17.09 -34.27
N VAL B 289 14.91 16.57 -33.05
CA VAL B 289 15.94 15.69 -32.54
C VAL B 289 16.01 14.44 -33.40
N GLN B 290 17.22 14.02 -33.76
CA GLN B 290 17.39 12.80 -34.54
C GLN B 290 18.36 11.84 -33.84
N ALA B 291 19.12 12.36 -32.88
CA ALA B 291 20.07 11.54 -32.12
C ALA B 291 20.67 12.29 -30.96
N VAL B 292 21.32 11.54 -30.06
CA VAL B 292 21.98 12.12 -28.91
C VAL B 292 23.41 11.60 -28.89
N VAL B 293 24.37 12.51 -28.74
CA VAL B 293 25.77 12.14 -28.67
C VAL B 293 26.23 12.41 -27.25
N ALA B 294 26.99 11.48 -26.68
CA ALA B 294 27.47 11.65 -25.31
C ALA B 294 28.82 11.02 -25.07
N MET B 295 29.56 11.58 -24.13
CA MET B 295 30.87 11.06 -23.76
C MET B 295 30.65 10.12 -22.58
N THR B 296 31.32 8.97 -22.60
CA THR B 296 31.20 8.00 -21.53
C THR B 296 32.59 7.50 -21.17
N PRO B 297 32.70 6.67 -20.12
CA PRO B 297 33.98 6.13 -19.69
C PRO B 297 34.66 5.31 -20.78
N ASN B 298 33.85 4.72 -21.66
CA ASN B 298 34.37 3.91 -22.75
C ASN B 298 34.42 4.67 -24.08
N GLY B 299 34.23 5.98 -24.03
CA GLY B 299 34.29 6.78 -25.24
C GLY B 299 32.97 7.40 -25.64
N GLU B 300 32.98 8.08 -26.79
CA GLU B 300 31.79 8.73 -27.31
C GLU B 300 30.78 7.73 -27.87
N MET B 301 29.50 8.03 -27.70
CA MET B 301 28.44 7.17 -28.20
C MET B 301 27.36 8.01 -28.86
N ARG B 302 26.63 7.41 -29.80
CA ARG B 302 25.55 8.09 -30.50
C ARG B 302 24.31 7.21 -30.46
N ILE B 303 23.23 7.75 -29.90
CA ILE B 303 21.97 7.02 -29.81
C ILE B 303 20.92 7.69 -30.66
N GLU B 304 20.41 6.97 -31.66
CA GLU B 304 19.39 7.54 -32.52
C GLU B 304 18.06 7.60 -31.77
N THR B 305 17.40 8.75 -31.85
CA THR B 305 16.13 8.96 -31.16
C THR B 305 15.47 10.24 -31.63
N ASP B 306 14.16 10.34 -31.42
CA ASP B 306 13.45 11.57 -31.79
C ASP B 306 12.72 12.09 -30.57
N PHE B 307 13.10 11.59 -29.39
CA PHE B 307 12.48 11.97 -28.14
C PHE B 307 13.48 11.90 -26.99
N VAL B 308 13.78 13.06 -26.40
CA VAL B 308 14.72 13.14 -25.29
C VAL B 308 14.02 13.74 -24.07
N PHE B 309 14.15 13.06 -22.94
CA PHE B 309 13.54 13.57 -21.71
C PHE B 309 14.61 13.93 -20.69
N LEU B 310 14.59 15.19 -20.25
CA LEU B 310 15.54 15.65 -19.27
C LEU B 310 14.93 15.51 -17.89
N GLY B 311 15.55 14.66 -17.06
CA GLY B 311 15.07 14.44 -15.72
C GLY B 311 16.15 14.91 -14.77
N LEU B 312 16.42 16.21 -14.80
CA LEU B 312 17.45 16.81 -13.98
C LEU B 312 16.84 17.47 -12.75
N GLY B 313 17.70 17.80 -11.79
CA GLY B 313 17.23 18.43 -10.57
C GLY B 313 16.54 19.76 -10.85
N GLU B 314 15.55 20.09 -10.02
CA GLU B 314 14.80 21.33 -10.16
C GLU B 314 15.66 22.47 -9.60
N GLN B 315 15.55 23.66 -10.19
CA GLN B 315 16.36 24.80 -9.74
C GLN B 315 15.50 25.91 -9.12
N PRO B 316 15.80 26.31 -7.88
CA PRO B 316 15.08 27.36 -7.17
C PRO B 316 14.92 28.64 -7.99
N ARG B 317 13.70 29.19 -8.02
CA ARG B 317 13.42 30.42 -8.76
C ARG B 317 13.73 31.61 -7.86
N SER B 318 15.01 31.85 -7.62
CA SER B 318 15.45 32.93 -6.74
C SER B 318 15.89 34.23 -7.43
N ALA B 319 16.41 34.10 -8.65
CA ALA B 319 16.90 35.24 -9.42
C ALA B 319 16.23 36.59 -9.15
N GLU B 320 15.02 36.76 -9.68
CA GLU B 320 14.26 37.99 -9.53
C GLU B 320 14.13 38.49 -8.08
N LEU B 321 13.60 37.64 -7.21
CA LEU B 321 13.42 38.01 -5.81
C LEU B 321 14.72 38.37 -5.11
N ALA B 322 15.79 37.66 -5.45
CA ALA B 322 17.09 37.92 -4.85
C ALA B 322 17.60 39.30 -5.24
N LYS B 323 17.26 39.73 -6.45
CA LYS B 323 17.69 41.04 -6.94
C LYS B 323 16.85 42.17 -6.35
N ILE B 324 15.55 41.94 -6.27
CA ILE B 324 14.62 42.94 -5.75
C ILE B 324 14.77 43.17 -4.24
N LEU B 325 14.94 42.08 -3.49
CA LEU B 325 15.06 42.17 -2.03
C LEU B 325 16.49 42.06 -1.51
N GLY B 326 17.40 41.59 -2.35
CA GLY B 326 18.78 41.45 -1.90
C GLY B 326 18.92 40.27 -0.96
N LEU B 327 18.35 39.14 -1.35
CA LEU B 327 18.38 37.91 -0.55
C LEU B 327 19.70 37.17 -0.69
N ASP B 328 20.18 36.60 0.40
CA ASP B 328 21.41 35.81 0.38
C ASP B 328 21.07 34.46 -0.23
N LEU B 329 21.84 34.03 -1.22
CA LEU B 329 21.57 32.75 -1.88
C LEU B 329 22.67 31.71 -1.63
N GLY B 330 22.32 30.45 -1.88
CA GLY B 330 23.27 29.37 -1.70
C GLY B 330 23.95 29.02 -3.01
N PRO B 331 24.83 28.02 -3.02
CA PRO B 331 25.55 27.60 -4.24
C PRO B 331 24.65 27.16 -5.39
N LYS B 332 23.50 26.56 -5.07
CA LYS B 332 22.59 26.10 -6.10
C LYS B 332 21.47 27.09 -6.39
N GLY B 333 21.59 28.30 -5.84
CA GLY B 333 20.58 29.31 -6.06
C GLY B 333 19.45 29.29 -5.03
N GLU B 334 19.51 28.35 -4.10
CA GLU B 334 18.48 28.25 -3.07
C GLU B 334 18.56 29.47 -2.16
N VAL B 335 17.42 29.92 -1.66
CA VAL B 335 17.39 31.07 -0.76
C VAL B 335 17.78 30.58 0.63
N LEU B 336 18.78 31.22 1.23
CA LEU B 336 19.22 30.83 2.56
C LEU B 336 18.23 31.29 3.62
N VAL B 337 17.98 30.43 4.59
CA VAL B 337 17.06 30.74 5.68
C VAL B 337 17.56 30.09 6.97
N ASN B 338 17.15 30.63 8.12
CA ASN B 338 17.55 30.03 9.38
C ASN B 338 16.52 28.97 9.75
N GLU B 339 16.62 28.44 10.95
CA GLU B 339 15.71 27.39 11.39
C GLU B 339 14.25 27.86 11.50
N TYR B 340 14.03 29.18 11.39
CA TYR B 340 12.69 29.73 11.49
C TYR B 340 12.16 30.15 10.11
N LEU B 341 12.83 29.66 9.06
CA LEU B 341 12.46 29.95 7.68
C LEU B 341 12.65 31.43 7.33
N GLN B 342 13.45 32.13 8.12
CA GLN B 342 13.71 33.54 7.89
C GLN B 342 14.91 33.75 6.97
N THR B 343 14.71 34.56 5.93
CA THR B 343 15.80 34.86 4.99
C THR B 343 16.70 35.91 5.62
N SER B 344 17.58 36.49 4.81
CA SER B 344 18.48 37.52 5.31
C SER B 344 17.75 38.87 5.37
N VAL B 345 16.62 38.96 4.68
CA VAL B 345 15.84 40.18 4.66
C VAL B 345 14.74 40.15 5.72
N PRO B 346 14.69 41.18 6.58
CA PRO B 346 13.69 41.28 7.66
C PRO B 346 12.24 41.11 7.19
N ASN B 347 11.48 40.33 7.96
CA ASN B 347 10.08 40.08 7.66
C ASN B 347 9.85 39.35 6.35
N VAL B 348 10.89 38.66 5.87
CA VAL B 348 10.79 37.91 4.64
C VAL B 348 11.21 36.46 4.87
N TYR B 349 10.28 35.54 4.65
CA TYR B 349 10.54 34.12 4.82
C TYR B 349 10.59 33.43 3.47
N ALA B 350 11.21 32.26 3.43
CA ALA B 350 11.29 31.48 2.20
C ALA B 350 10.95 30.05 2.56
N VAL B 351 10.18 29.39 1.70
CA VAL B 351 9.74 28.02 1.95
C VAL B 351 9.69 27.18 0.67
N GLY B 352 9.43 25.89 0.85
CA GLY B 352 9.31 25.00 -0.30
C GLY B 352 10.59 24.73 -1.06
N ASP B 353 10.44 24.47 -2.36
CA ASP B 353 11.58 24.17 -3.23
C ASP B 353 12.54 25.34 -3.34
N LEU B 354 12.05 26.54 -3.03
CA LEU B 354 12.86 27.75 -3.11
C LEU B 354 14.07 27.71 -2.16
N ILE B 355 13.93 26.98 -1.04
CA ILE B 355 15.03 26.90 -0.09
C ILE B 355 15.89 25.64 -0.25
N GLY B 356 15.66 24.91 -1.34
CA GLY B 356 16.45 23.72 -1.60
C GLY B 356 15.88 22.39 -1.18
N GLY B 357 16.77 21.39 -1.10
CA GLY B 357 16.35 20.06 -0.74
C GLY B 357 16.10 19.86 0.75
N PRO B 358 15.31 18.84 1.11
CA PRO B 358 14.69 17.96 0.13
C PRO B 358 13.51 18.62 -0.57
N MET B 359 13.42 18.43 -1.88
CA MET B 359 12.31 19.01 -2.65
C MET B 359 11.19 17.98 -2.70
N GLU B 360 10.42 17.95 -1.63
CA GLU B 360 9.29 17.03 -1.50
C GLU B 360 8.08 17.81 -1.00
N MET B 361 6.90 17.23 -1.18
CA MET B 361 5.67 17.89 -0.75
C MET B 361 5.60 18.08 0.76
N PHE B 362 6.07 17.10 1.54
CA PHE B 362 6.02 17.25 2.99
C PHE B 362 6.85 18.45 3.43
N LYS B 363 8.00 18.63 2.79
CA LYS B 363 8.90 19.74 3.13
C LYS B 363 8.26 21.07 2.73
N ALA B 364 7.63 21.12 1.56
CA ALA B 364 7.00 22.34 1.10
C ALA B 364 5.83 22.74 2.01
N ARG B 365 4.92 21.82 2.25
CA ARG B 365 3.75 22.08 3.07
C ARG B 365 4.10 22.43 4.52
N LYS B 366 5.01 21.66 5.12
CA LYS B 366 5.38 21.92 6.50
C LYS B 366 6.16 23.23 6.63
N SER B 367 7.12 23.48 5.74
CA SER B 367 7.88 24.73 5.84
C SER B 367 6.91 25.90 5.69
N GLY B 368 5.92 25.74 4.82
CA GLY B 368 4.94 26.80 4.63
C GLY B 368 4.16 27.06 5.90
N CYS B 369 3.78 26.00 6.59
CA CYS B 369 3.01 26.11 7.83
C CYS B 369 3.84 26.70 8.97
N TYR B 370 5.08 26.24 9.10
CA TYR B 370 5.95 26.74 10.16
C TYR B 370 6.26 28.22 9.96
N ALA B 371 6.49 28.62 8.72
CA ALA B 371 6.78 30.03 8.44
C ALA B 371 5.57 30.83 8.88
N ALA B 372 4.38 30.29 8.63
CA ALA B 372 3.12 30.94 8.98
C ALA B 372 3.00 31.08 10.49
N ARG B 373 3.34 30.02 11.22
CA ARG B 373 3.26 30.03 12.67
C ARG B 373 4.22 31.06 13.24
N ASN B 374 5.40 31.15 12.64
CA ASN B 374 6.41 32.11 13.09
C ASN B 374 5.94 33.53 12.82
N VAL B 375 5.22 33.72 11.71
CA VAL B 375 4.70 35.03 11.36
C VAL B 375 3.62 35.43 12.37
N MET B 376 2.92 34.43 12.90
CA MET B 376 1.87 34.69 13.89
C MET B 376 2.41 34.78 15.30
N GLY B 377 3.73 34.86 15.43
CA GLY B 377 4.33 34.98 16.76
C GLY B 377 4.75 33.70 17.44
N GLU B 378 4.44 32.56 16.84
CA GLU B 378 4.81 31.27 17.44
C GLU B 378 6.18 30.81 16.96
N LYS B 379 7.21 31.12 17.74
CA LYS B 379 8.58 30.76 17.43
C LYS B 379 8.79 29.25 17.41
N ILE B 380 8.86 28.67 16.21
CA ILE B 380 9.05 27.24 16.07
C ILE B 380 10.08 26.94 14.98
N SER B 381 11.06 26.10 15.30
CA SER B 381 12.10 25.76 14.35
C SER B 381 11.76 24.55 13.49
N TYR B 382 12.32 24.52 12.28
CA TYR B 382 12.09 23.43 11.36
C TYR B 382 13.34 23.11 10.55
N THR B 383 13.89 21.92 10.78
CA THR B 383 15.07 21.46 10.07
C THR B 383 14.76 20.03 9.66
N PRO B 384 14.33 19.82 8.41
CA PRO B 384 14.01 18.48 7.94
C PRO B 384 15.15 17.48 8.11
N LYS B 385 14.87 16.40 8.83
CA LYS B 385 15.85 15.36 9.09
C LYS B 385 15.14 14.07 9.47
N ASN B 386 15.76 12.93 9.16
CA ASN B 386 15.20 11.63 9.48
C ASN B 386 13.75 11.48 9.03
N TYR B 387 13.55 11.63 7.72
CA TYR B 387 12.24 11.50 7.13
C TYR B 387 12.24 10.29 6.19
N PRO B 388 11.06 9.69 5.96
CA PRO B 388 10.99 8.54 5.08
C PRO B 388 11.05 9.09 3.66
N ASP B 389 11.35 8.23 2.69
CA ASP B 389 11.44 8.68 1.32
C ASP B 389 11.01 7.55 0.39
N PHE B 390 10.75 7.88 -0.87
CA PHE B 390 10.31 6.86 -1.82
C PHE B 390 10.50 7.35 -3.25
N LEU B 391 10.40 6.42 -4.18
CA LEU B 391 10.51 6.72 -5.59
C LEU B 391 9.90 5.55 -6.34
N HIS B 392 9.55 5.76 -7.61
CA HIS B 392 8.97 4.69 -8.43
C HIS B 392 9.91 4.28 -9.54
N THR B 393 9.88 3.00 -9.90
CA THR B 393 10.59 2.47 -11.06
C THR B 393 9.35 1.80 -11.65
N HIS B 394 9.35 0.47 -11.79
CA HIS B 394 8.15 -0.23 -12.23
C HIS B 394 7.52 -0.72 -10.93
N TYR B 395 8.25 -0.46 -9.83
CA TYR B 395 7.82 -0.82 -8.47
C TYR B 395 7.81 0.42 -7.62
N GLU B 396 7.23 0.28 -6.43
CA GLU B 396 7.24 1.36 -5.45
C GLU B 396 8.46 1.02 -4.58
N VAL B 397 9.33 2.00 -4.36
CA VAL B 397 10.54 1.81 -3.58
C VAL B 397 10.51 2.75 -2.38
N SER B 398 10.46 2.18 -1.17
CA SER B 398 10.39 2.95 0.05
C SER B 398 11.60 2.72 0.94
N PHE B 399 12.08 3.78 1.58
CA PHE B 399 13.24 3.64 2.44
C PHE B 399 13.31 4.71 3.52
N LEU B 400 13.92 4.36 4.64
CA LEU B 400 14.10 5.28 5.75
C LEU B 400 15.28 4.78 6.57
N GLY B 401 15.95 5.69 7.25
CA GLY B 401 17.06 5.30 8.09
C GLY B 401 18.31 4.81 7.38
N MET B 402 19.07 3.98 8.08
CA MET B 402 20.32 3.44 7.57
C MET B 402 20.25 2.17 6.73
N GLY B 403 21.15 2.08 5.77
CA GLY B 403 21.26 0.89 4.96
C GLY B 403 22.12 -0.04 5.79
N GLU B 404 22.18 -1.32 5.42
CA GLU B 404 22.96 -2.30 6.17
C GLU B 404 24.44 -1.98 6.29
N GLU B 405 25.09 -1.74 5.16
CA GLU B 405 26.52 -1.44 5.15
C GLU B 405 26.81 -0.14 5.87
N GLU B 406 25.94 0.84 5.70
CA GLU B 406 26.06 2.14 6.35
C GLU B 406 26.07 1.99 7.87
N ALA B 407 25.15 1.16 8.38
CA ALA B 407 25.05 0.94 9.82
C ALA B 407 26.31 0.28 10.38
N ARG B 408 26.82 -0.73 9.69
CA ARG B 408 28.01 -1.42 10.18
C ARG B 408 29.25 -0.53 10.13
N ALA B 409 29.33 0.30 9.10
CA ALA B 409 30.46 1.20 8.96
C ALA B 409 30.42 2.29 10.04
N ALA B 410 29.21 2.60 10.49
CA ALA B 410 28.98 3.64 11.51
C ALA B 410 29.25 3.19 12.94
N GLY B 411 29.66 1.95 13.11
CA GLY B 411 29.93 1.45 14.45
C GLY B 411 28.75 0.80 15.15
N HIS B 412 27.75 0.38 14.38
CA HIS B 412 26.59 -0.27 14.97
C HIS B 412 26.62 -1.77 14.73
N GLU B 413 26.56 -2.55 15.80
CA GLU B 413 26.52 -4.00 15.70
C GLU B 413 25.07 -4.28 15.31
N ILE B 414 24.86 -4.93 14.17
CA ILE B 414 23.50 -5.16 13.72
C ILE B 414 23.14 -6.56 13.25
N VAL B 415 21.83 -6.74 13.08
CA VAL B 415 21.27 -7.96 12.55
C VAL B 415 20.27 -7.44 11.53
N THR B 416 19.97 -8.25 10.52
CA THR B 416 18.99 -7.83 9.54
C THR B 416 17.91 -8.89 9.46
N ILE B 417 16.72 -8.46 9.08
CA ILE B 417 15.58 -9.36 8.91
C ILE B 417 15.04 -8.97 7.54
N LYS B 418 15.11 -9.89 6.59
CA LYS B 418 14.68 -9.59 5.24
C LYS B 418 13.94 -10.70 4.54
N MET B 419 13.50 -10.40 3.32
CA MET B 419 12.81 -11.35 2.46
C MET B 419 13.14 -10.93 1.04
N PRO B 420 13.56 -11.89 0.20
CA PRO B 420 13.73 -13.30 0.54
C PRO B 420 15.03 -13.54 1.32
N PRO B 421 15.16 -14.73 1.93
CA PRO B 421 16.37 -15.03 2.70
C PRO B 421 17.60 -15.24 1.82
N ASP B 422 18.78 -15.19 2.43
CA ASP B 422 20.03 -15.42 1.72
C ASP B 422 20.24 -16.92 1.60
N THR B 423 19.99 -17.48 0.42
CA THR B 423 20.20 -18.91 0.18
C THR B 423 20.63 -19.07 -1.27
N GLU B 424 21.01 -20.29 -1.66
CA GLU B 424 21.45 -20.51 -3.03
C GLU B 424 20.33 -20.36 -4.07
N ASN B 425 19.08 -20.34 -3.59
CA ASN B 425 17.95 -20.17 -4.51
C ASN B 425 17.74 -18.67 -4.76
N GLY B 426 18.40 -17.85 -3.95
CA GLY B 426 18.30 -16.41 -4.10
C GLY B 426 16.90 -15.85 -4.14
N LEU B 427 16.66 -14.96 -5.09
CA LEU B 427 15.35 -14.32 -5.26
C LEU B 427 14.28 -15.23 -5.84
N ASN B 428 14.70 -16.39 -6.35
CA ASN B 428 13.79 -17.32 -7.00
C ASN B 428 12.94 -18.14 -6.05
N VAL B 429 12.28 -17.45 -5.12
CA VAL B 429 11.41 -18.08 -4.14
C VAL B 429 10.12 -17.27 -4.03
N ALA B 430 9.07 -17.88 -3.52
CA ALA B 430 7.75 -17.27 -3.42
C ALA B 430 7.49 -16.15 -2.42
N LEU B 431 8.53 -15.61 -1.80
CA LEU B 431 8.36 -14.51 -0.87
C LEU B 431 9.39 -13.45 -1.25
N PRO B 432 9.15 -12.18 -0.89
CA PRO B 432 7.98 -11.66 -0.18
C PRO B 432 6.77 -11.69 -1.09
N ALA B 433 5.58 -11.54 -0.52
CA ALA B 433 4.36 -11.57 -1.32
C ALA B 433 3.17 -10.96 -0.60
N SER B 434 2.40 -10.15 -1.30
CA SER B 434 1.16 -9.48 -0.83
C SER B 434 0.54 -8.69 -1.98
N ASP B 435 -0.50 -8.01 -1.63
CA ASP B 435 -1.29 -7.34 -2.65
C ASP B 435 -0.44 -6.78 -3.78
N ARG B 436 -0.82 -7.15 -5.01
CA ARG B 436 -0.15 -6.71 -6.23
C ARG B 436 1.16 -7.41 -6.59
N THR B 437 1.56 -8.40 -5.80
CA THR B 437 2.74 -9.19 -6.13
C THR B 437 2.43 -10.68 -6.11
N MET B 438 1.15 -11.03 -5.98
CA MET B 438 0.75 -12.43 -5.93
C MET B 438 0.97 -13.16 -7.25
N LEU B 439 0.68 -12.50 -8.37
CA LEU B 439 0.88 -13.14 -9.65
C LEU B 439 2.38 -13.41 -9.87
N TYR B 440 3.23 -12.46 -9.50
CA TYR B 440 4.66 -12.66 -9.64
C TYR B 440 5.10 -13.83 -8.75
N ALA B 441 4.57 -13.88 -7.53
CA ALA B 441 4.92 -14.93 -6.59
C ALA B 441 4.56 -16.34 -7.08
N PHE B 442 3.45 -16.43 -7.81
CA PHE B 442 2.98 -17.72 -8.32
C PHE B 442 3.26 -18.07 -9.77
N GLY B 443 3.62 -17.07 -10.58
CA GLY B 443 3.88 -17.31 -11.99
C GLY B 443 5.09 -18.16 -12.29
N LYS B 444 5.11 -18.76 -13.48
CA LYS B 444 6.23 -19.59 -13.87
C LYS B 444 7.45 -18.73 -14.18
N GLY B 445 8.50 -18.90 -13.40
CA GLY B 445 9.73 -18.16 -13.58
C GLY B 445 9.67 -16.69 -13.22
N THR B 446 8.65 -16.28 -12.48
CA THR B 446 8.49 -14.89 -12.10
C THR B 446 8.67 -14.58 -10.61
N ALA B 447 8.95 -15.61 -9.82
CA ALA B 447 9.09 -15.43 -8.38
C ALA B 447 10.08 -14.36 -7.94
N HIS B 448 11.16 -14.19 -8.69
CA HIS B 448 12.18 -13.20 -8.33
C HIS B 448 11.64 -11.78 -8.40
N MET B 449 10.52 -11.61 -9.09
CA MET B 449 9.90 -10.30 -9.27
C MET B 449 8.91 -9.95 -8.16
N SER B 450 8.79 -10.81 -7.14
CA SER B 450 7.81 -10.55 -6.10
C SER B 450 8.18 -9.49 -5.07
N GLY B 451 9.40 -8.97 -5.14
CA GLY B 451 9.82 -7.92 -4.22
C GLY B 451 11.06 -8.19 -3.40
N PHE B 452 11.41 -7.21 -2.57
CA PHE B 452 12.59 -7.31 -1.70
C PHE B 452 12.36 -6.36 -0.53
N GLN B 453 12.67 -6.79 0.68
CA GLN B 453 12.49 -5.92 1.83
C GLN B 453 13.44 -6.28 2.95
N LYS B 454 13.72 -5.31 3.80
CA LYS B 454 14.67 -5.54 4.89
C LYS B 454 14.60 -4.48 5.97
N ILE B 455 14.80 -4.90 7.22
CA ILE B 455 14.88 -3.95 8.32
C ILE B 455 16.26 -4.16 8.93
N VAL B 456 16.88 -3.07 9.34
CA VAL B 456 18.21 -3.10 9.95
C VAL B 456 17.99 -2.81 11.42
N ILE B 457 18.52 -3.70 12.27
CA ILE B 457 18.32 -3.57 13.71
C ILE B 457 19.60 -3.54 14.53
N ASP B 458 19.67 -2.65 15.51
CA ASP B 458 20.84 -2.57 16.37
C ASP B 458 20.72 -3.77 17.32
N ALA B 459 21.72 -4.64 17.30
CA ALA B 459 21.69 -5.85 18.12
C ALA B 459 21.70 -5.62 19.62
N LYS B 460 22.25 -4.48 20.05
CA LYS B 460 22.32 -4.19 21.48
C LYS B 460 21.11 -3.43 22.02
N THR B 461 20.71 -2.36 21.36
CA THR B 461 19.57 -1.59 21.82
C THR B 461 18.27 -2.23 21.33
N ARG B 462 18.39 -3.10 20.33
CA ARG B 462 17.26 -3.79 19.73
C ARG B 462 16.37 -2.83 18.93
N LYS B 463 16.83 -1.60 18.72
CA LYS B 463 16.06 -0.61 17.98
C LYS B 463 16.21 -0.76 16.46
N VAL B 464 15.16 -0.43 15.72
CA VAL B 464 15.20 -0.50 14.26
C VAL B 464 15.94 0.75 13.78
N LEU B 465 16.98 0.54 12.98
CA LEU B 465 17.80 1.64 12.46
C LEU B 465 17.45 2.03 11.04
N GLY B 466 16.78 1.15 10.33
CA GLY B 466 16.42 1.44 8.95
C GLY B 466 15.45 0.42 8.41
N ALA B 467 14.68 0.82 7.39
CA ALA B 467 13.71 -0.07 6.77
C ALA B 467 13.73 0.20 5.27
N HIS B 468 13.63 -0.87 4.49
CA HIS B 468 13.70 -0.78 3.04
C HIS B 468 12.69 -1.73 2.40
N HIS B 469 12.01 -1.25 1.36
CA HIS B 469 11.00 -2.07 0.71
C HIS B 469 10.84 -1.79 -0.78
N VAL B 470 10.76 -2.87 -1.57
CA VAL B 470 10.55 -2.78 -3.01
C VAL B 470 9.34 -3.68 -3.27
N GLY B 471 8.30 -3.12 -3.88
CA GLY B 471 7.09 -3.89 -4.16
C GLY B 471 5.95 -2.92 -4.32
N TYR B 472 4.85 -3.15 -3.60
CA TYR B 472 3.69 -2.26 -3.66
C TYR B 472 2.95 -2.23 -2.33
N GLY B 473 2.39 -1.07 -2.01
CA GLY B 473 1.60 -0.94 -0.80
C GLY B 473 2.27 -0.69 0.53
N ALA B 474 3.56 -0.33 0.53
CA ALA B 474 4.28 -0.08 1.78
C ALA B 474 4.52 1.41 2.00
N LYS B 475 4.48 2.17 0.92
CA LYS B 475 4.70 3.62 0.94
C LYS B 475 3.93 4.33 2.05
N ASP B 476 2.62 4.16 2.07
CA ASP B 476 1.79 4.80 3.07
C ASP B 476 2.23 4.38 4.47
N ALA B 477 2.54 3.11 4.63
CA ALA B 477 2.98 2.59 5.92
C ALA B 477 4.27 3.23 6.42
N PHE B 478 5.20 3.52 5.51
CA PHE B 478 6.46 4.13 5.90
C PHE B 478 6.27 5.49 6.58
N GLN B 479 5.18 6.18 6.27
CA GLN B 479 4.91 7.47 6.90
C GLN B 479 4.74 7.25 8.40
N TYR B 480 3.94 6.25 8.75
CA TYR B 480 3.64 5.96 10.15
C TYR B 480 4.74 5.17 10.85
N LEU B 481 5.37 4.24 10.12
CA LEU B 481 6.45 3.45 10.68
C LEU B 481 7.62 4.36 11.08
N ASN B 482 7.89 5.36 10.26
CA ASN B 482 9.00 6.25 10.59
C ASN B 482 8.79 6.98 11.90
N VAL B 483 7.55 7.36 12.17
CA VAL B 483 7.23 8.06 13.42
C VAL B 483 7.51 7.14 14.60
N LEU B 484 7.09 5.88 14.47
CA LEU B 484 7.32 4.91 15.55
C LEU B 484 8.81 4.71 15.75
N ILE B 485 9.56 4.67 14.65
CA ILE B 485 11.00 4.49 14.74
C ILE B 485 11.66 5.68 15.42
N LYS B 486 11.17 6.89 15.14
CA LYS B 486 11.75 8.06 15.79
C LYS B 486 11.46 8.03 17.28
N GLN B 487 10.40 7.32 17.67
CA GLN B 487 10.03 7.19 19.06
C GLN B 487 10.90 6.15 19.78
N GLY B 488 11.65 5.36 19.00
CA GLY B 488 12.51 4.35 19.61
C GLY B 488 12.03 2.91 19.44
N LEU B 489 11.31 2.65 18.37
CA LEU B 489 10.78 1.31 18.08
C LEU B 489 11.81 0.19 18.12
N THR B 490 11.52 -0.87 18.89
CA THR B 490 12.41 -2.02 19.00
C THR B 490 11.82 -3.21 18.24
N VAL B 491 12.64 -4.23 18.03
CA VAL B 491 12.19 -5.42 17.33
C VAL B 491 11.09 -6.10 18.15
N ASP B 492 11.15 -5.97 19.47
CA ASP B 492 10.13 -6.58 20.33
C ASP B 492 8.78 -5.87 20.17
N GLU B 493 8.81 -4.54 20.14
CA GLU B 493 7.59 -3.76 19.99
C GLU B 493 6.99 -3.98 18.62
N LEU B 494 7.85 -4.16 17.62
CA LEU B 494 7.39 -4.41 16.26
C LEU B 494 6.72 -5.79 16.24
N GLY B 495 7.34 -6.75 16.92
CA GLY B 495 6.78 -8.10 16.99
C GLY B 495 5.48 -8.17 17.76
N ASP B 496 5.23 -7.20 18.62
CA ASP B 496 4.00 -7.19 19.42
C ASP B 496 2.80 -6.55 18.75
N MET B 497 2.99 -6.03 17.55
CA MET B 497 1.89 -5.40 16.82
C MET B 497 0.96 -6.43 16.20
N ASP B 498 -0.18 -5.98 15.69
CA ASP B 498 -1.14 -6.86 15.04
C ASP B 498 -0.96 -6.66 13.55
N GLU B 499 -0.48 -7.69 12.86
CA GLU B 499 -0.28 -7.58 11.43
C GLU B 499 -1.59 -7.86 10.70
N LEU B 500 -1.67 -7.38 9.46
CA LEU B 500 -2.82 -7.61 8.61
C LEU B 500 -2.27 -8.42 7.44
N PHE B 501 -2.19 -9.73 7.63
CA PHE B 501 -1.64 -10.65 6.64
C PHE B 501 -2.63 -10.86 5.49
N LEU B 502 -2.16 -10.95 4.24
CA LEU B 502 -0.75 -10.84 3.86
C LEU B 502 -0.41 -9.37 3.76
N ASN B 503 0.67 -8.96 4.41
CA ASN B 503 1.07 -7.57 4.44
C ASN B 503 2.24 -7.17 3.54
N PRO B 504 2.16 -5.99 2.90
CA PRO B 504 3.24 -5.51 2.03
C PRO B 504 4.57 -5.56 2.78
N THR B 505 4.59 -5.12 4.03
CA THR B 505 5.80 -5.22 4.83
C THR B 505 5.56 -6.37 5.82
N HIS B 506 6.48 -7.32 5.84
CA HIS B 506 6.36 -8.48 6.73
C HIS B 506 7.14 -8.24 8.02
N PHE B 507 7.55 -7.00 8.25
CA PHE B 507 8.35 -6.64 9.42
C PHE B 507 7.82 -7.06 10.78
N ILE B 508 6.50 -6.94 10.98
CA ILE B 508 5.91 -7.30 12.25
C ILE B 508 6.12 -8.76 12.63
N GLN B 509 5.66 -9.68 11.78
CA GLN B 509 5.81 -11.10 12.09
C GLN B 509 7.23 -11.63 12.02
N LEU B 510 8.04 -11.10 11.10
CA LEU B 510 9.41 -11.59 11.01
C LEU B 510 10.20 -11.17 12.24
N SER B 511 9.89 -9.98 12.78
CA SER B 511 10.54 -9.53 14.00
C SER B 511 10.15 -10.48 15.13
N ARG B 512 8.87 -10.84 15.19
CA ARG B 512 8.37 -11.74 16.22
C ARG B 512 9.08 -13.09 16.20
N LEU B 513 9.51 -13.55 15.03
CA LEU B 513 10.21 -14.82 14.91
C LEU B 513 11.59 -14.81 15.57
N ARG B 514 12.18 -13.63 15.69
CA ARG B 514 13.49 -13.50 16.31
C ARG B 514 13.51 -12.81 17.68
N ALA B 515 12.44 -12.09 18.00
CA ALA B 515 12.40 -11.34 19.25
C ALA B 515 12.46 -12.13 20.56
N GLY B 516 12.16 -13.42 20.50
CA GLY B 516 12.19 -14.24 21.69
C GLY B 516 13.58 -14.47 22.28
N SER B 517 14.62 -14.17 21.52
CA SER B 517 16.00 -14.34 21.98
C SER B 517 16.61 -13.04 22.51
N LYS B 518 17.41 -13.13 23.56
CA LYS B 518 18.07 -11.95 24.12
C LYS B 518 19.25 -11.57 23.23
N ASN B 519 19.75 -12.56 22.49
CA ASN B 519 20.84 -12.35 21.55
C ASN B 519 20.25 -12.52 20.16
N LEU B 520 19.91 -11.39 19.54
CA LEU B 520 19.29 -11.40 18.21
C LEU B 520 20.13 -12.05 17.12
N VAL B 521 19.43 -12.69 16.20
CA VAL B 521 20.05 -13.36 15.05
C VAL B 521 19.30 -12.94 13.78
N SER B 522 20.06 -12.67 12.72
CA SER B 522 19.46 -12.26 11.44
C SER B 522 18.58 -13.35 10.84
N LEU B 523 17.65 -12.95 9.98
CA LEU B 523 16.75 -13.88 9.31
C LEU B 523 16.76 -13.57 7.81
#